data_1IVY
#
_entry.id   1IVY
#
_cell.length_a   115.040
_cell.length_b   148.110
_cell.length_c   80.970
_cell.angle_alpha   90.00
_cell.angle_beta   90.00
_cell.angle_gamma   90.00
#
_symmetry.space_group_name_H-M   'P 21 21 2'
#
loop_
_entity.id
_entity.type
_entity.pdbx_description
1 polymer 'HUMAN PROTECTIVE PROTEIN'
2 branched 2-acetamido-2-deoxy-alpha-D-glucopyranose-(1-4)-2-acetamido-2-deoxy-beta-D-glucopyranose
3 branched 2-acetamido-2-deoxy-beta-D-glucopyranose-(1-4)-2-acetamido-2-deoxy-beta-D-glucopyranose
4 non-polymer 2-acetamido-2-deoxy-beta-D-glucopyranose
5 water water
#
_entity_poly.entity_id   1
_entity_poly.type   'polypeptide(L)'
_entity_poly.pdbx_seq_one_letter_code
;APDQDEIQRLPGLAKQPSFRQYSGYLKSSGSKHLHYWFVESQKDPENSPVVLWLNGGPGCSSLDGLLTEHGPFLVQPDGV
TLEYNPYSWNLIANVLYLESPAGVGFSYSDDKFYATNDTEVAQSNFEALQDFFRLFPEYKNNKLFLTGESYAGIYIPTLA
VLVMQDPSMNLQGLAVGNGLSSYEQNDNSLVYFAYYHGLLGNRLWSSLQTHCCSQNKCNFYDNKDLECVTNLQEVARIVG
NSGLNIYNLYAPCAGGVPSHFRYEKDTVVVQDLGNIFTRLPLKRMWHQALLRSGDKVRMDPPCTNTTAASTYLNNPYVRK
ALNIPEQLPQWDMCNFLVNLQYRRLYRSMNSQYLKLLSSQKYQILLYNGDVDMACNFMGDEWFVDSLNQKMEVQRRPWLV
KYGDSGEQIAGFVKEFSHIAFLTIKGAGHMVPTDKPLAAFTMFSRFLNKQPY
;
_entity_poly.pdbx_strand_id   A,B
#
loop_
_chem_comp.id
_chem_comp.type
_chem_comp.name
_chem_comp.formula
NAG D-saccharide, beta linking 2-acetamido-2-deoxy-beta-D-glucopyranose 'C8 H15 N O6'
NDG D-saccharide, alpha linking 2-acetamido-2-deoxy-alpha-D-glucopyranose 'C8 H15 N O6'
#
# COMPACT_ATOMS: atom_id res chain seq x y z
N ALA A 1 22.17 9.09 37.92
CA ALA A 1 21.89 9.94 36.74
C ALA A 1 22.57 11.28 36.91
N PRO A 2 22.94 11.92 35.79
CA PRO A 2 23.60 13.24 35.86
C PRO A 2 22.53 14.32 35.91
N ASP A 3 22.32 14.87 37.11
CA ASP A 3 21.32 15.91 37.35
C ASP A 3 21.46 17.09 36.41
N GLN A 4 22.69 17.37 36.05
CA GLN A 4 23.02 18.47 35.15
C GLN A 4 22.59 18.26 33.70
N ASP A 5 22.20 17.02 33.37
CA ASP A 5 21.77 16.67 32.03
C ASP A 5 20.25 16.69 31.91
N GLU A 6 19.55 16.46 33.03
CA GLU A 6 18.10 16.44 32.98
C GLU A 6 17.49 17.65 32.29
N ILE A 7 16.38 17.41 31.62
CA ILE A 7 15.65 18.47 30.92
C ILE A 7 14.55 18.96 31.88
N GLN A 8 14.65 20.23 32.25
CA GLN A 8 13.70 20.80 33.19
C GLN A 8 12.42 21.30 32.55
N ARG A 9 12.53 22.27 31.64
CA ARG A 9 11.35 22.78 30.99
C ARG A 9 11.51 22.74 29.46
N LEU A 10 11.00 21.67 28.87
CA LEU A 10 11.08 21.48 27.42
C LEU A 10 10.01 22.25 26.71
N PRO A 11 10.41 23.20 25.85
CA PRO A 11 9.47 24.01 25.09
C PRO A 11 8.47 23.17 24.28
N GLY A 12 7.41 23.81 23.78
CA GLY A 12 6.46 23.09 22.96
C GLY A 12 5.53 22.14 23.69
N LEU A 13 5.79 21.87 24.96
CA LEU A 13 4.92 20.99 25.74
C LEU A 13 4.05 21.87 26.62
N ALA A 14 2.73 21.70 26.54
CA ALA A 14 1.81 22.49 27.35
C ALA A 14 1.83 21.97 28.80
N LYS A 15 1.84 20.65 28.95
CA LYS A 15 1.92 20.05 30.26
C LYS A 15 3.19 19.24 30.26
N GLN A 16 4.00 19.49 31.26
CA GLN A 16 5.28 18.85 31.48
C GLN A 16 5.18 17.33 31.63
N PRO A 17 6.22 16.59 31.18
CA PRO A 17 6.28 15.12 31.27
C PRO A 17 6.17 14.60 32.70
N SER A 18 5.62 13.41 32.84
CA SER A 18 5.45 12.75 34.12
C SER A 18 6.64 11.81 34.38
N PHE A 19 7.57 11.78 33.44
CA PHE A 19 8.74 10.91 33.54
C PHE A 19 9.96 11.79 33.36
N ARG A 20 11.10 11.36 33.89
CA ARG A 20 12.33 12.15 33.76
C ARG A 20 12.97 11.84 32.41
N GLN A 21 13.60 12.86 31.83
CA GLN A 21 14.26 12.75 30.53
C GLN A 21 15.52 13.62 30.59
N TYR A 22 16.62 13.09 30.07
CA TYR A 22 17.91 13.78 30.07
C TYR A 22 18.47 14.04 28.69
N SER A 23 19.33 15.06 28.60
CA SER A 23 19.98 15.40 27.35
C SER A 23 21.39 15.92 27.62
N GLY A 24 22.37 15.26 27.02
CA GLY A 24 23.76 15.65 27.20
C GLY A 24 24.64 14.92 26.20
N TYR A 25 25.87 14.64 26.63
CA TYR A 25 26.86 13.98 25.79
C TYR A 25 27.54 12.78 26.44
N LEU A 26 27.81 11.79 25.62
CA LEU A 26 28.50 10.59 26.08
C LEU A 26 29.84 10.69 25.38
N LYS A 27 30.92 10.50 26.11
CA LYS A 27 32.22 10.62 25.47
C LYS A 27 32.56 9.35 24.76
N SER A 28 33.22 9.53 23.63
CA SER A 28 33.61 8.40 22.80
C SER A 28 35.07 8.58 22.41
N SER A 29 35.56 7.61 21.66
CA SER A 29 36.92 7.56 21.14
C SER A 29 37.38 8.90 20.61
N GLY A 30 38.68 9.13 20.65
CA GLY A 30 39.23 10.36 20.15
C GLY A 30 38.62 11.58 20.81
N SER A 31 38.36 12.61 20.02
CA SER A 31 37.78 13.81 20.59
C SER A 31 36.26 13.85 20.43
N LYS A 32 35.63 12.67 20.41
CA LYS A 32 34.19 12.56 20.17
C LYS A 32 33.24 12.72 21.33
N HIS A 33 32.14 13.40 21.04
CA HIS A 33 31.08 13.65 22.03
C HIS A 33 29.72 13.42 21.36
N LEU A 34 29.06 12.35 21.76
CA LEU A 34 27.77 11.98 21.20
C LEU A 34 26.56 12.47 21.99
N HIS A 35 25.76 13.35 21.36
CA HIS A 35 24.57 13.85 22.01
C HIS A 35 23.54 12.75 22.19
N TYR A 36 23.12 12.52 23.42
CA TYR A 36 22.11 11.53 23.72
C TYR A 36 20.85 12.25 24.25
N TRP A 37 19.70 11.59 24.21
CA TRP A 37 18.45 12.15 24.73
C TRP A 37 17.80 10.91 25.31
N PHE A 38 17.88 10.78 26.62
CA PHE A 38 17.35 9.63 27.30
C PHE A 38 15.97 9.96 27.88
N VAL A 39 15.00 9.08 27.68
CA VAL A 39 13.67 9.26 28.19
C VAL A 39 13.38 7.99 28.99
N GLU A 40 13.10 8.16 30.26
CA GLU A 40 12.82 7.02 31.12
C GLU A 40 11.44 6.42 30.89
N SER A 41 11.32 5.13 31.20
CA SER A 41 10.08 4.41 31.06
C SER A 41 9.01 5.20 31.81
N GLN A 42 7.77 5.14 31.34
CA GLN A 42 6.70 5.88 32.00
C GLN A 42 6.13 4.99 33.10
N LYS A 43 6.62 3.77 33.15
CA LYS A 43 6.19 2.89 34.21
C LYS A 43 7.31 1.98 34.64
N ASP A 44 7.73 2.20 35.87
CA ASP A 44 8.79 1.44 36.51
C ASP A 44 10.11 1.56 35.78
N PRO A 45 10.57 2.79 35.53
CA PRO A 45 11.85 2.99 34.83
C PRO A 45 12.97 2.27 35.55
N GLU A 46 12.84 2.17 36.86
CA GLU A 46 13.82 1.48 37.69
C GLU A 46 14.02 0.03 37.25
N ASN A 47 12.95 -0.62 36.80
CA ASN A 47 13.04 -2.02 36.36
C ASN A 47 12.66 -2.24 34.89
N SER A 48 12.71 -1.19 34.08
CA SER A 48 12.38 -1.28 32.67
C SER A 48 13.69 -1.43 31.88
N PRO A 49 13.66 -2.23 30.79
CA PRO A 49 14.83 -2.46 29.94
C PRO A 49 15.37 -1.13 29.46
N VAL A 50 16.66 -1.11 29.19
CA VAL A 50 17.28 0.09 28.64
C VAL A 50 17.35 -0.26 27.17
N VAL A 51 16.72 0.58 26.36
CA VAL A 51 16.69 0.34 24.95
C VAL A 51 17.40 1.42 24.21
N LEU A 52 18.45 1.04 23.49
CA LEU A 52 19.20 2.02 22.72
C LEU A 52 18.51 2.10 21.37
N TRP A 53 18.32 3.31 20.85
CA TRP A 53 17.74 3.45 19.53
C TRP A 53 18.69 4.24 18.65
N LEU A 54 18.97 3.68 17.48
CA LEU A 54 19.83 4.34 16.50
C LEU A 54 19.12 4.45 15.13
N ASN A 55 19.17 5.63 14.54
CA ASN A 55 18.61 5.84 13.20
C ASN A 55 19.73 5.51 12.24
N GLY A 56 19.53 5.70 10.94
CA GLY A 56 20.57 5.34 9.99
C GLY A 56 21.30 6.39 9.22
N GLY A 57 21.20 6.31 7.90
CA GLY A 57 21.90 7.25 7.04
C GLY A 57 22.81 6.49 6.09
N PRO A 58 24.12 6.41 6.36
CA PRO A 58 24.87 6.94 7.48
C PRO A 58 24.95 8.48 7.50
N GLY A 59 24.88 9.05 8.69
CA GLY A 59 24.93 10.49 8.83
C GLY A 59 23.60 11.13 9.19
N CYS A 60 22.63 10.33 9.65
CA CYS A 60 21.31 10.86 9.99
C CYS A 60 21.02 10.74 11.49
N SER A 61 20.21 11.66 12.00
CA SER A 61 19.91 11.75 13.42
C SER A 61 18.88 10.84 14.06
N SER A 62 19.22 10.31 15.25
CA SER A 62 18.31 9.47 16.01
C SER A 62 17.21 10.27 16.71
N LEU A 63 17.27 11.60 16.59
CA LEU A 63 16.24 12.47 17.18
C LEU A 63 15.06 12.47 16.20
N ASP A 64 15.24 11.74 15.09
CA ASP A 64 14.24 11.52 14.06
C ASP A 64 13.36 10.44 14.67
N GLY A 65 13.99 9.41 15.22
CA GLY A 65 13.28 8.34 15.86
C GLY A 65 12.47 8.83 17.07
N LEU A 66 12.96 9.87 17.75
CA LEU A 66 12.24 10.41 18.91
C LEU A 66 11.08 11.29 18.49
N LEU A 67 11.40 12.38 17.81
CA LEU A 67 10.44 13.38 17.39
C LEU A 67 9.46 13.06 16.29
N THR A 68 9.75 12.05 15.49
CA THR A 68 8.86 11.72 14.37
C THR A 68 8.41 10.27 14.32
N GLU A 69 9.06 9.38 15.08
CA GLU A 69 8.69 7.98 15.07
C GLU A 69 8.10 7.40 16.33
N HIS A 70 8.93 7.23 17.36
CA HIS A 70 8.43 6.63 18.57
C HIS A 70 8.77 7.29 19.92
N GLY A 71 9.08 8.58 19.88
CA GLY A 71 9.37 9.28 21.11
C GLY A 71 8.10 9.53 21.93
N PRO A 72 8.25 9.97 23.21
CA PRO A 72 7.10 10.23 24.10
C PRO A 72 6.19 11.37 23.61
N PHE A 73 6.72 12.19 22.70
CA PHE A 73 6.00 13.30 22.09
C PHE A 73 6.57 13.45 20.69
N LEU A 74 5.80 14.04 19.78
CA LEU A 74 6.23 14.19 18.41
C LEU A 74 6.06 15.61 18.01
N VAL A 75 6.99 16.14 17.24
CA VAL A 75 6.92 17.51 16.79
C VAL A 75 5.77 17.64 15.80
N GLN A 76 5.14 18.80 15.81
CA GLN A 76 4.00 19.07 14.96
C GLN A 76 4.43 19.88 13.77
N PRO A 77 3.57 20.00 12.75
CA PRO A 77 3.95 20.79 11.58
C PRO A 77 4.37 22.21 11.91
N ASP A 78 3.90 22.77 13.00
CA ASP A 78 4.36 24.12 13.32
C ASP A 78 5.84 24.19 13.69
N GLY A 79 6.45 23.04 13.98
CA GLY A 79 7.85 23.02 14.36
C GLY A 79 7.98 23.74 15.68
N VAL A 80 6.89 23.75 16.45
CA VAL A 80 6.88 24.43 17.75
C VAL A 80 6.24 23.55 18.81
N THR A 81 5.16 22.89 18.43
CA THR A 81 4.42 22.07 19.36
C THR A 81 4.81 20.63 19.32
N LEU A 82 4.74 20.01 20.50
CA LEU A 82 5.00 18.61 20.75
C LEU A 82 3.74 18.01 21.37
N GLU A 83 3.27 16.91 20.82
CA GLU A 83 2.10 16.28 21.35
C GLU A 83 2.51 14.93 21.88
N TYR A 84 2.01 14.56 23.04
CA TYR A 84 2.37 13.26 23.59
C TYR A 84 1.99 12.15 22.62
N ASN A 85 2.75 11.08 22.64
CA ASN A 85 2.53 9.97 21.74
C ASN A 85 2.04 8.78 22.53
N PRO A 86 0.83 8.29 22.19
CA PRO A 86 0.20 7.16 22.85
C PRO A 86 0.89 5.84 22.57
N TYR A 87 1.75 5.80 21.57
CA TYR A 87 2.41 4.55 21.25
C TYR A 87 3.90 4.63 21.50
N SER A 88 4.28 5.54 22.40
CA SER A 88 5.67 5.74 22.72
C SER A 88 6.29 4.46 23.21
N TRP A 89 7.49 4.18 22.68
CA TRP A 89 8.20 2.98 23.09
C TRP A 89 8.63 3.12 24.54
N ASN A 90 8.81 4.36 25.01
CA ASN A 90 9.22 4.66 26.40
C ASN A 90 8.09 4.46 27.40
N LEU A 91 6.96 3.93 26.95
CA LEU A 91 5.87 3.64 27.84
C LEU A 91 6.28 2.40 28.64
N ILE A 92 7.13 1.56 28.06
CA ILE A 92 7.55 0.34 28.73
C ILE A 92 9.05 0.11 28.79
N ALA A 93 9.82 1.11 28.38
CA ALA A 93 11.28 1.01 28.38
C ALA A 93 11.91 2.37 28.59
N ASN A 94 13.16 2.34 29.02
CA ASN A 94 13.97 3.54 29.22
C ASN A 94 14.66 3.60 27.86
N VAL A 95 14.29 4.57 27.03
CA VAL A 95 14.85 4.65 25.71
C VAL A 95 15.90 5.72 25.57
N LEU A 96 17.02 5.33 25.00
CA LEU A 96 18.16 6.20 24.79
C LEU A 96 18.34 6.41 23.30
N TYR A 97 18.08 7.63 22.82
CA TYR A 97 18.24 8.01 21.43
C TYR A 97 19.63 8.63 21.34
N LEU A 98 20.50 8.04 20.54
CA LEU A 98 21.86 8.51 20.42
C LEU A 98 22.21 9.02 19.03
N GLU A 99 22.56 10.31 18.92
CA GLU A 99 22.96 10.88 17.64
C GLU A 99 24.40 10.49 17.40
N SER A 100 24.54 9.54 16.48
CA SER A 100 25.84 8.98 16.11
C SER A 100 25.96 8.79 14.59
N PRO A 101 27.19 8.92 14.03
CA PRO A 101 28.46 9.20 14.69
C PRO A 101 28.65 10.72 14.95
N ALA A 102 29.85 11.15 15.34
CA ALA A 102 30.12 12.56 15.61
C ALA A 102 29.88 13.45 14.40
N GLY A 103 29.31 14.62 14.63
CA GLY A 103 29.03 15.51 13.52
C GLY A 103 27.58 15.47 13.09
N VAL A 104 26.89 14.42 13.50
CA VAL A 104 25.46 14.24 13.18
C VAL A 104 24.66 14.94 14.27
N GLY A 105 23.81 15.88 13.88
CA GLY A 105 22.97 16.62 14.82
C GLY A 105 23.72 17.58 15.71
N PHE A 106 23.66 17.30 17.01
CA PHE A 106 24.37 18.12 17.99
C PHE A 106 25.61 17.35 18.45
N SER A 107 25.92 16.23 17.78
CA SER A 107 27.09 15.43 18.12
C SER A 107 28.28 16.12 17.50
N TYR A 108 29.45 15.93 18.07
CA TYR A 108 30.62 16.60 17.55
C TYR A 108 31.91 15.97 18.07
N SER A 109 33.03 16.53 17.66
CA SER A 109 34.34 16.08 18.10
C SER A 109 35.18 17.33 18.11
N ASP A 110 36.15 17.40 19.01
CA ASP A 110 37.02 18.58 19.08
C ASP A 110 37.71 18.91 17.75
N ASP A 111 38.37 17.94 17.11
CA ASP A 111 39.04 18.26 15.85
C ASP A 111 38.08 18.48 14.68
N LYS A 112 36.82 18.11 14.88
CA LYS A 112 35.82 18.27 13.84
C LYS A 112 36.12 17.52 12.55
N PHE A 113 36.79 16.39 12.67
CA PHE A 113 37.12 15.56 11.52
C PHE A 113 36.06 14.47 11.51
N TYR A 114 35.13 14.54 10.57
CA TYR A 114 34.03 13.60 10.55
C TYR A 114 34.00 12.37 9.64
N ALA A 115 35.07 12.16 8.87
CA ALA A 115 35.19 10.98 8.00
C ALA A 115 35.31 9.75 8.89
N THR A 116 34.45 8.76 8.68
CA THR A 116 34.49 7.57 9.52
C THR A 116 34.11 6.29 8.76
N ASN A 117 33.93 5.19 9.49
CA ASN A 117 33.63 3.91 8.88
C ASN A 117 32.92 2.98 9.85
N ASP A 118 32.44 1.86 9.33
CA ASP A 118 31.70 0.92 10.16
C ASP A 118 32.33 0.51 11.47
N THR A 119 33.61 0.15 11.43
CA THR A 119 34.34 -0.32 12.62
C THR A 119 34.54 0.75 13.69
N GLU A 120 34.94 1.93 13.25
CA GLU A 120 35.12 3.05 14.16
C GLU A 120 33.79 3.46 14.81
N VAL A 121 32.70 3.49 14.02
CA VAL A 121 31.39 3.88 14.57
C VAL A 121 30.91 2.90 15.64
N ALA A 122 31.11 1.60 15.42
CA ALA A 122 30.68 0.62 16.42
C ALA A 122 31.49 0.78 17.71
N GLN A 123 32.78 1.11 17.59
CA GLN A 123 33.62 1.31 18.76
C GLN A 123 33.29 2.64 19.48
N SER A 124 32.91 3.64 18.71
CA SER A 124 32.52 4.92 19.27
C SER A 124 31.20 4.77 20.06
N ASN A 125 30.22 4.09 19.45
CA ASN A 125 28.92 3.85 20.10
C ASN A 125 29.12 2.97 21.32
N PHE A 126 30.04 2.04 21.22
CA PHE A 126 30.33 1.14 22.33
C PHE A 126 30.91 1.91 23.51
N GLU A 127 31.87 2.79 23.22
CA GLU A 127 32.49 3.60 24.26
C GLU A 127 31.53 4.60 24.86
N ALA A 128 30.62 5.11 24.02
CA ALA A 128 29.58 6.04 24.44
C ALA A 128 28.62 5.27 25.36
N LEU A 129 28.30 4.03 25.01
CA LEU A 129 27.41 3.20 25.81
C LEU A 129 28.06 2.94 27.18
N GLN A 130 29.39 2.89 27.22
CA GLN A 130 30.13 2.70 28.49
C GLN A 130 29.97 3.94 29.34
N ASP A 131 30.09 5.10 28.70
CA ASP A 131 29.94 6.37 29.37
C ASP A 131 28.54 6.50 29.96
N PHE A 132 27.53 6.15 29.18
CA PHE A 132 26.14 6.20 29.64
C PHE A 132 26.01 5.46 30.97
N PHE A 133 26.54 4.25 31.02
CA PHE A 133 26.47 3.43 32.22
C PHE A 133 27.27 4.00 33.39
N ARG A 134 28.24 4.87 33.11
CA ARG A 134 28.97 5.48 34.18
C ARG A 134 28.22 6.73 34.64
N LEU A 135 27.38 7.28 33.76
CA LEU A 135 26.55 8.43 34.10
C LEU A 135 25.23 7.96 34.73
N PHE A 136 24.79 6.75 34.37
CA PHE A 136 23.56 6.15 34.89
C PHE A 136 23.90 4.76 35.39
N PRO A 137 24.72 4.68 36.44
CA PRO A 137 25.16 3.43 37.04
C PRO A 137 24.00 2.57 37.54
N GLU A 138 22.88 3.21 37.84
CA GLU A 138 21.71 2.52 38.34
C GLU A 138 21.06 1.57 37.34
N TYR A 139 21.39 1.77 36.06
CA TYR A 139 20.84 0.94 34.99
C TYR A 139 21.77 -0.15 34.49
N LYS A 140 22.90 -0.32 35.15
CA LYS A 140 23.87 -1.34 34.75
C LYS A 140 23.27 -2.75 34.79
N ASN A 141 22.29 -2.95 35.67
CA ASN A 141 21.64 -4.26 35.80
C ASN A 141 20.39 -4.43 34.95
N ASN A 142 19.89 -3.36 34.37
CA ASN A 142 18.69 -3.44 33.53
C ASN A 142 18.96 -4.19 32.22
N LYS A 143 17.99 -5.01 31.79
CA LYS A 143 18.11 -5.75 30.53
C LYS A 143 18.29 -4.71 29.46
N LEU A 144 19.32 -4.90 28.65
CA LEU A 144 19.64 -3.99 27.59
C LEU A 144 19.28 -4.59 26.22
N PHE A 145 18.72 -3.76 25.34
CA PHE A 145 18.36 -4.20 24.00
C PHE A 145 18.93 -3.14 23.07
N LEU A 146 19.52 -3.56 21.96
CA LEU A 146 20.08 -2.61 20.99
C LEU A 146 19.11 -2.58 19.78
N THR A 147 18.54 -1.42 19.49
CA THR A 147 17.56 -1.27 18.40
C THR A 147 17.90 -0.11 17.47
N GLY A 148 17.40 -0.18 16.23
CA GLY A 148 17.69 0.87 15.27
C GLY A 148 16.96 0.67 13.96
N GLU A 149 17.26 1.50 13.00
CA GLU A 149 16.59 1.43 11.74
C GLU A 149 17.47 1.80 10.57
N SER A 150 17.15 1.20 9.41
CA SER A 150 17.82 1.50 8.15
C SER A 150 19.31 1.14 8.16
N TYR A 151 20.19 2.13 8.11
CA TYR A 151 21.63 1.83 8.14
C TYR A 151 22.03 1.23 9.47
N ALA A 152 21.23 1.47 10.52
CA ALA A 152 21.50 0.87 11.81
C ALA A 152 21.38 -0.64 11.71
N GLY A 153 21.03 -1.14 10.52
CA GLY A 153 20.94 -2.57 10.34
C GLY A 153 22.38 -3.05 10.27
N ILE A 154 23.28 -2.12 9.97
CA ILE A 154 24.73 -2.34 9.96
C ILE A 154 25.23 -1.97 11.38
N TYR A 155 24.95 -0.72 11.81
CA TYR A 155 25.32 -0.20 13.14
C TYR A 155 25.01 -1.19 14.27
N ILE A 156 23.74 -1.58 14.38
CA ILE A 156 23.29 -2.48 15.43
C ILE A 156 24.01 -3.83 15.62
N PRO A 157 24.10 -4.68 14.58
CA PRO A 157 24.81 -5.96 14.81
C PRO A 157 26.32 -5.78 15.08
N THR A 158 26.97 -4.82 14.43
CA THR A 158 28.39 -4.58 14.69
C THR A 158 28.58 -4.11 16.15
N LEU A 159 27.68 -3.25 16.64
CA LEU A 159 27.73 -2.76 18.02
C LEU A 159 27.38 -3.88 18.98
N ALA A 160 26.44 -4.73 18.60
CA ALA A 160 26.02 -5.86 19.41
C ALA A 160 27.17 -6.87 19.65
N VAL A 161 27.99 -7.07 18.62
CA VAL A 161 29.11 -8.00 18.73
C VAL A 161 30.12 -7.50 19.78
N LEU A 162 30.30 -6.18 19.90
CA LEU A 162 31.22 -5.60 20.90
C LEU A 162 30.60 -5.74 22.27
N VAL A 163 29.32 -5.39 22.37
CA VAL A 163 28.60 -5.48 23.63
C VAL A 163 28.58 -6.90 24.24
N MET A 164 28.50 -7.92 23.39
CA MET A 164 28.48 -9.30 23.88
C MET A 164 29.80 -9.70 24.52
N GLN A 165 30.86 -8.97 24.18
CA GLN A 165 32.19 -9.22 24.74
C GLN A 165 32.37 -8.49 26.10
N ASP A 166 31.39 -7.67 26.48
CA ASP A 166 31.43 -6.96 27.75
C ASP A 166 30.44 -7.61 28.69
N PRO A 167 30.94 -8.37 29.66
CA PRO A 167 30.09 -9.06 30.63
C PRO A 167 29.31 -8.14 31.56
N SER A 168 29.74 -6.88 31.68
CA SER A 168 29.07 -5.90 32.54
C SER A 168 27.75 -5.40 31.97
N MET A 169 27.60 -5.54 30.65
CA MET A 169 26.40 -5.10 29.95
C MET A 169 25.43 -6.27 29.82
N ASN A 170 24.21 -6.09 30.33
CA ASN A 170 23.19 -7.14 30.29
C ASN A 170 22.43 -7.21 28.95
N LEU A 171 23.19 -7.45 27.87
CA LEU A 171 22.61 -7.54 26.53
C LEU A 171 21.62 -8.69 26.47
N GLN A 172 20.37 -8.34 26.22
CA GLN A 172 19.31 -9.33 26.14
C GLN A 172 18.81 -9.53 24.71
N GLY A 173 18.94 -8.54 23.86
CA GLY A 173 18.46 -8.72 22.51
C GLY A 173 18.66 -7.54 21.62
N LEU A 174 18.23 -7.68 20.38
CA LEU A 174 18.34 -6.62 19.37
C LEU A 174 17.20 -6.68 18.34
N ALA A 175 16.79 -5.51 17.84
CA ALA A 175 15.71 -5.42 16.85
C ALA A 175 16.10 -4.35 15.83
N VAL A 176 15.96 -4.65 14.54
CA VAL A 176 16.32 -3.73 13.47
C VAL A 176 15.15 -3.56 12.49
N GLY A 177 14.74 -2.31 12.23
CA GLY A 177 13.63 -2.07 11.31
C GLY A 177 14.08 -1.73 9.92
N ASN A 178 13.57 -2.43 8.92
CA ASN A 178 13.98 -2.17 7.54
C ASN A 178 15.49 -1.89 7.49
N GLY A 179 16.27 -2.82 8.01
CA GLY A 179 17.70 -2.61 8.05
C GLY A 179 18.42 -3.07 6.81
N LEU A 180 19.58 -2.46 6.57
CA LEU A 180 20.45 -2.79 5.43
C LEU A 180 21.36 -3.90 5.88
N SER A 181 20.85 -5.14 5.88
CA SER A 181 21.61 -6.31 6.30
C SER A 181 22.60 -6.82 5.24
N SER A 182 22.23 -6.70 3.97
CA SER A 182 23.05 -7.14 2.87
C SER A 182 22.72 -6.30 1.67
N TYR A 183 23.71 -5.60 1.14
CA TYR A 183 23.54 -4.74 -0.04
C TYR A 183 23.13 -5.56 -1.26
N GLU A 184 23.66 -6.78 -1.37
CA GLU A 184 23.34 -7.64 -2.52
C GLU A 184 21.90 -8.12 -2.50
N GLN A 185 21.47 -8.67 -1.37
CA GLN A 185 20.11 -9.16 -1.22
C GLN A 185 19.09 -8.03 -1.30
N ASN A 186 19.52 -6.83 -0.89
CA ASN A 186 18.67 -5.65 -0.93
C ASN A 186 18.55 -5.12 -2.37
N ASP A 187 19.67 -4.96 -3.06
CA ASP A 187 19.65 -4.45 -4.43
C ASP A 187 18.90 -5.38 -5.38
N ASN A 188 19.12 -6.69 -5.24
CA ASN A 188 18.44 -7.70 -6.07
C ASN A 188 16.93 -7.77 -5.81
N SER A 189 16.52 -7.94 -4.56
CA SER A 189 15.08 -8.01 -4.20
C SER A 189 14.29 -6.77 -4.62
N LEU A 190 14.95 -5.61 -4.63
CA LEU A 190 14.36 -4.33 -5.02
C LEU A 190 13.94 -4.28 -6.48
N VAL A 191 14.79 -4.81 -7.36
CA VAL A 191 14.46 -4.81 -8.79
C VAL A 191 13.19 -5.63 -8.98
N TYR A 192 13.11 -6.78 -8.30
CA TYR A 192 11.93 -7.62 -8.34
C TYR A 192 10.71 -6.87 -7.74
N PHE A 193 10.92 -6.27 -6.56
CA PHE A 193 9.91 -5.50 -5.88
C PHE A 193 9.29 -4.50 -6.85
N ALA A 194 10.14 -3.76 -7.55
CA ALA A 194 9.71 -2.76 -8.51
C ALA A 194 8.82 -3.27 -9.64
N TYR A 195 9.15 -4.40 -10.26
CA TYR A 195 8.31 -4.91 -11.33
C TYR A 195 6.96 -5.34 -10.80
N TYR A 196 6.96 -6.12 -9.73
CA TYR A 196 5.74 -6.64 -9.16
C TYR A 196 4.84 -5.66 -8.43
N HIS A 197 5.35 -4.45 -8.21
CA HIS A 197 4.60 -3.39 -7.55
C HIS A 197 4.24 -2.37 -8.63
N GLY A 198 4.38 -2.82 -9.88
CA GLY A 198 4.00 -2.03 -11.05
C GLY A 198 4.77 -0.84 -11.52
N LEU A 199 6.06 -0.79 -11.23
CA LEU A 199 6.84 0.38 -11.61
C LEU A 199 7.60 0.22 -12.90
N LEU A 200 7.83 -1.02 -13.29
CA LEU A 200 8.62 -1.29 -14.47
C LEU A 200 7.92 -1.59 -15.79
N GLY A 201 7.05 -2.61 -15.81
CA GLY A 201 6.43 -2.96 -17.07
C GLY A 201 7.17 -4.16 -17.68
N ASN A 202 6.52 -4.91 -18.56
CA ASN A 202 7.16 -6.10 -19.13
C ASN A 202 8.32 -5.89 -20.06
N ARG A 203 8.36 -4.80 -20.80
CA ARG A 203 9.48 -4.57 -21.71
C ARG A 203 10.78 -4.42 -20.94
N LEU A 204 10.78 -3.55 -19.92
CA LEU A 204 11.96 -3.32 -19.10
C LEU A 204 12.30 -4.59 -18.35
N TRP A 205 11.30 -5.19 -17.74
CA TRP A 205 11.51 -6.41 -17.04
C TRP A 205 12.11 -7.48 -17.96
N SER A 206 11.60 -7.55 -19.19
CA SER A 206 12.07 -8.52 -20.18
C SER A 206 13.55 -8.33 -20.50
N SER A 207 13.95 -7.10 -20.84
CA SER A 207 15.37 -6.82 -21.08
C SER A 207 16.22 -7.13 -19.85
N LEU A 208 15.72 -6.78 -18.66
CA LEU A 208 16.47 -7.05 -17.44
C LEU A 208 16.72 -8.54 -17.28
N GLN A 209 15.68 -9.33 -17.48
CA GLN A 209 15.81 -10.78 -17.36
C GLN A 209 16.77 -11.33 -18.41
N THR A 210 16.77 -10.71 -19.59
CA THR A 210 17.61 -11.11 -20.71
C THR A 210 19.07 -10.77 -20.50
N HIS A 211 19.34 -9.55 -20.04
CA HIS A 211 20.70 -9.11 -19.87
C HIS A 211 21.35 -9.25 -18.51
N CYS A 212 20.57 -9.53 -17.45
CA CYS A 212 21.16 -9.62 -16.11
C CYS A 212 20.92 -10.94 -15.46
N CYS A 213 20.15 -11.80 -16.12
CA CYS A 213 19.83 -13.06 -15.52
C CYS A 213 20.27 -14.20 -16.43
N SER A 214 20.49 -15.37 -15.85
CA SER A 214 20.89 -16.59 -16.56
C SER A 214 20.51 -17.67 -15.57
N GLN A 215 19.53 -18.49 -15.96
CA GLN A 215 18.95 -19.53 -15.11
C GLN A 215 17.89 -18.64 -14.42
N ASN A 216 17.37 -19.05 -13.27
CA ASN A 216 16.41 -18.23 -12.57
C ASN A 216 17.21 -17.29 -11.67
N LYS A 217 18.48 -17.09 -11.98
CA LYS A 217 19.29 -16.22 -11.19
C LYS A 217 19.57 -14.91 -11.86
N CYS A 218 19.26 -13.84 -11.14
CA CYS A 218 19.50 -12.50 -11.63
C CYS A 218 20.56 -11.82 -10.80
N ASN A 219 21.42 -11.05 -11.47
CA ASN A 219 22.43 -10.31 -10.77
C ASN A 219 22.15 -8.84 -11.05
N PHE A 220 21.49 -8.19 -10.10
CA PHE A 220 21.13 -6.77 -10.19
C PHE A 220 22.02 -5.98 -9.23
N TYR A 221 23.02 -6.67 -8.67
CA TYR A 221 23.97 -6.14 -7.69
C TYR A 221 25.30 -5.60 -8.24
N ASP A 222 26.08 -6.44 -8.93
CA ASP A 222 27.35 -6.00 -9.51
C ASP A 222 27.54 -6.44 -10.96
N ASN A 223 26.47 -6.46 -11.72
CA ASN A 223 26.52 -6.86 -13.13
C ASN A 223 27.19 -5.75 -13.93
N LYS A 224 28.08 -6.17 -14.82
CA LYS A 224 28.85 -5.27 -15.68
C LYS A 224 28.33 -5.31 -17.11
N ASP A 225 27.48 -6.29 -17.41
CA ASP A 225 26.92 -6.45 -18.76
C ASP A 225 26.36 -5.11 -19.21
N LEU A 226 26.80 -4.67 -20.37
CA LEU A 226 26.37 -3.42 -20.94
C LEU A 226 24.87 -3.03 -20.98
N GLU A 227 24.02 -3.81 -21.63
CA GLU A 227 22.61 -3.44 -21.69
C GLU A 227 21.90 -3.70 -20.37
N CYS A 228 22.44 -4.61 -19.57
CA CYS A 228 21.86 -4.89 -18.27
C CYS A 228 21.99 -3.64 -17.41
N VAL A 229 23.17 -3.04 -17.42
CA VAL A 229 23.45 -1.83 -16.64
C VAL A 229 22.59 -0.68 -17.13
N THR A 230 22.40 -0.61 -18.46
CA THR A 230 21.58 0.43 -19.05
C THR A 230 20.13 0.35 -18.56
N ASN A 231 19.71 -0.88 -18.26
CA ASN A 231 18.38 -1.13 -17.74
C ASN A 231 18.26 -0.86 -16.24
N LEU A 232 19.29 -1.25 -15.49
CA LEU A 232 19.32 -1.03 -14.04
C LEU A 232 19.39 0.47 -13.76
N GLN A 233 20.04 1.21 -14.65
CA GLN A 233 20.12 2.66 -14.54
C GLN A 233 18.72 3.27 -14.61
N GLU A 234 17.85 2.70 -15.45
CA GLU A 234 16.49 3.22 -15.59
C GLU A 234 15.70 2.83 -14.35
N VAL A 235 15.89 1.61 -13.88
CA VAL A 235 15.25 1.11 -12.67
C VAL A 235 15.59 2.04 -11.52
N ALA A 236 16.86 2.48 -11.47
CA ALA A 236 17.35 3.38 -10.43
C ALA A 236 16.65 4.73 -10.55
N ARG A 237 16.49 5.19 -11.79
CA ARG A 237 15.81 6.45 -12.08
C ARG A 237 14.32 6.41 -11.68
N ILE A 238 13.65 5.33 -12.04
CA ILE A 238 12.25 5.15 -11.75
C ILE A 238 11.94 5.02 -10.25
N VAL A 239 12.75 4.24 -9.54
CA VAL A 239 12.58 4.00 -8.11
C VAL A 239 12.89 5.21 -7.23
N GLY A 240 13.96 5.93 -7.55
CA GLY A 240 14.29 7.06 -6.71
C GLY A 240 14.50 8.43 -7.29
N ASN A 241 14.36 8.60 -8.60
CA ASN A 241 14.55 9.92 -9.20
C ASN A 241 13.37 10.36 -10.01
N SER A 242 12.21 9.78 -9.79
CA SER A 242 11.10 10.17 -10.63
C SER A 242 9.91 10.79 -9.92
N GLY A 243 9.99 10.88 -8.60
CA GLY A 243 8.89 11.45 -7.85
C GLY A 243 8.19 10.46 -6.94
N LEU A 244 8.59 9.20 -7.01
CA LEU A 244 8.01 8.17 -6.15
C LEU A 244 8.70 8.25 -4.80
N ASN A 245 8.03 7.81 -3.74
CA ASN A 245 8.60 7.82 -2.41
C ASN A 245 9.24 6.48 -2.13
N ILE A 246 10.56 6.42 -2.18
CA ILE A 246 11.30 5.19 -1.93
C ILE A 246 11.07 4.57 -0.54
N TYR A 247 10.55 5.37 0.39
CA TYR A 247 10.28 4.90 1.76
C TYR A 247 8.88 4.35 1.93
N ASN A 248 8.00 4.65 0.99
CA ASN A 248 6.61 4.22 1.07
C ASN A 248 6.06 4.42 -0.32
N LEU A 249 6.01 3.34 -1.08
CA LEU A 249 5.55 3.40 -2.47
C LEU A 249 4.22 4.08 -2.65
N TYR A 250 3.32 3.82 -1.70
CA TYR A 250 1.96 4.31 -1.70
C TYR A 250 1.68 5.62 -0.97
N ALA A 251 2.69 6.44 -0.79
CA ALA A 251 2.51 7.71 -0.12
C ALA A 251 3.03 8.79 -1.05
N PRO A 252 2.60 10.03 -0.86
CA PRO A 252 3.07 11.13 -1.70
C PRO A 252 4.52 11.43 -1.35
N CYS A 253 5.23 12.12 -2.22
CA CYS A 253 6.60 12.46 -1.95
C CYS A 253 6.64 13.90 -1.55
N ALA A 254 7.05 14.16 -0.32
CA ALA A 254 7.16 15.53 0.19
C ALA A 254 8.17 16.30 -0.66
N GLY A 255 7.67 17.28 -1.41
CA GLY A 255 8.51 18.08 -2.28
C GLY A 255 9.10 17.23 -3.40
N GLY A 256 8.18 16.58 -4.13
CA GLY A 256 8.53 15.69 -5.21
C GLY A 256 9.15 16.27 -6.46
N VAL A 257 10.27 15.68 -6.81
CA VAL A 257 11.05 16.02 -7.98
C VAL A 257 10.75 14.96 -9.03
N PRO A 258 11.57 14.93 -10.07
CA PRO A 258 11.67 14.08 -11.27
C PRO A 258 13.18 14.13 -11.54
N SER A 259 13.95 14.12 -10.44
CA SER A 259 15.40 14.23 -10.56
C SER A 259 16.16 13.59 -9.42
N HIS A 260 17.49 13.65 -9.51
CA HIS A 260 18.40 13.10 -8.50
C HIS A 260 18.84 14.14 -7.43
N PHE A 261 18.31 15.36 -7.55
CA PHE A 261 18.57 16.47 -6.63
C PHE A 261 17.45 17.50 -6.78
N ARG A 262 17.47 18.52 -5.92
CA ARG A 262 16.50 19.62 -5.97
C ARG A 262 17.08 20.80 -5.21
N TYR A 263 16.56 21.97 -5.54
CA TYR A 263 16.99 23.21 -4.90
C TYR A 263 15.91 23.63 -3.91
N GLU A 264 16.35 24.26 -2.83
CA GLU A 264 15.45 24.75 -1.80
C GLU A 264 16.00 26.13 -1.53
N LYS A 265 15.44 27.09 -2.27
CA LYS A 265 15.86 28.47 -2.27
C LYS A 265 17.19 28.40 -3.00
N ASP A 266 18.30 28.45 -2.26
CA ASP A 266 19.61 28.38 -2.88
C ASP A 266 20.53 27.33 -2.27
N THR A 267 19.89 26.30 -1.76
CA THR A 267 20.60 25.17 -1.18
C THR A 267 20.33 23.97 -2.06
N VAL A 268 21.39 23.22 -2.36
CA VAL A 268 21.21 22.03 -3.16
C VAL A 268 20.86 20.98 -2.12
N VAL A 269 19.72 20.31 -2.30
CA VAL A 269 19.30 19.27 -1.40
C VAL A 269 19.53 17.93 -2.10
N VAL A 270 20.38 17.11 -1.51
CA VAL A 270 20.71 15.79 -2.02
C VAL A 270 19.97 14.79 -1.14
N GLN A 271 19.37 13.75 -1.72
CA GLN A 271 18.59 12.79 -0.93
C GLN A 271 18.88 11.32 -1.14
N ASP A 272 20.09 11.07 -1.66
CA ASP A 272 20.58 9.73 -1.93
C ASP A 272 21.58 9.45 -0.85
N LEU A 273 21.26 8.53 0.05
CA LEU A 273 22.13 8.19 1.16
C LEU A 273 23.23 7.17 0.86
N GLY A 274 23.37 6.89 -0.44
CA GLY A 274 24.38 5.98 -1.00
C GLY A 274 24.44 4.53 -0.63
N ASN A 275 23.29 3.90 -0.35
CA ASN A 275 23.32 2.49 0.05
C ASN A 275 22.76 1.52 -0.98
N ILE A 276 22.23 2.06 -2.06
CA ILE A 276 21.56 1.25 -3.08
C ILE A 276 22.30 1.29 -4.40
N PHE A 277 22.47 0.11 -5.02
CA PHE A 277 23.15 -0.05 -6.33
C PHE A 277 24.59 0.48 -6.28
N THR A 278 25.23 0.33 -5.12
CA THR A 278 26.61 0.82 -4.93
C THR A 278 27.64 0.09 -5.80
N ARG A 279 27.39 -1.19 -6.06
CA ARG A 279 28.29 -2.04 -6.85
C ARG A 279 28.05 -2.02 -8.34
N LEU A 280 27.09 -1.23 -8.79
CA LEU A 280 26.78 -1.16 -10.20
C LEU A 280 27.52 -0.02 -10.79
N PRO A 281 28.09 -0.23 -12.00
CA PRO A 281 28.83 0.86 -12.65
C PRO A 281 27.86 1.88 -13.24
N LEU A 282 27.00 2.44 -12.39
CA LEU A 282 26.02 3.41 -12.85
C LEU A 282 26.56 4.84 -13.01
N LYS A 283 25.82 5.69 -13.70
CA LYS A 283 26.22 7.08 -13.86
C LYS A 283 25.51 7.76 -12.71
N ARG A 284 26.22 8.62 -11.99
CA ARG A 284 25.67 9.31 -10.83
C ARG A 284 26.11 10.76 -10.83
N MET A 285 25.43 11.55 -10.01
CA MET A 285 25.71 12.97 -9.85
C MET A 285 27.08 13.11 -9.21
N TRP A 286 27.79 14.16 -9.57
CA TRP A 286 29.11 14.38 -8.98
C TRP A 286 29.01 14.97 -7.57
N HIS A 287 28.60 14.16 -6.60
CA HIS A 287 28.48 14.64 -5.24
C HIS A 287 29.80 15.23 -4.76
N GLN A 288 30.88 14.71 -5.32
CA GLN A 288 32.22 15.16 -4.96
C GLN A 288 32.63 16.58 -5.36
N ALA A 289 31.93 17.18 -6.31
CA ALA A 289 32.24 18.55 -6.75
C ALA A 289 31.39 19.57 -5.97
N LEU A 290 30.40 19.07 -5.26
CA LEU A 290 29.45 19.88 -4.49
C LEU A 290 30.11 20.78 -3.44
N LEU A 291 31.11 20.26 -2.74
CA LEU A 291 31.78 21.07 -1.72
C LEU A 291 32.69 22.18 -2.30
N ARG A 292 33.25 21.92 -3.47
CA ARG A 292 34.11 22.87 -4.13
C ARG A 292 33.31 24.03 -4.74
N SER A 293 32.08 23.75 -5.17
CA SER A 293 31.23 24.78 -5.78
C SER A 293 30.95 25.95 -4.86
N GLY A 294 30.94 25.70 -3.57
CA GLY A 294 30.66 26.76 -2.63
C GLY A 294 29.18 27.03 -2.45
N ASP A 295 28.34 26.20 -3.03
CA ASP A 295 26.90 26.40 -2.86
C ASP A 295 26.55 25.69 -1.57
N LYS A 296 25.47 26.11 -0.93
CA LYS A 296 25.06 25.46 0.31
C LYS A 296 24.43 24.15 -0.10
N VAL A 297 24.79 23.09 0.60
CA VAL A 297 24.31 21.74 0.32
C VAL A 297 23.75 21.15 1.59
N ARG A 298 22.64 20.45 1.51
CA ARG A 298 22.09 19.78 2.68
C ARG A 298 21.59 18.42 2.22
N MET A 299 21.76 17.41 3.05
CA MET A 299 21.24 16.10 2.71
C MET A 299 19.99 15.87 3.56
N ASP A 300 18.88 15.50 2.90
CA ASP A 300 17.62 15.22 3.58
C ASP A 300 17.29 13.80 3.23
N PRO A 301 16.54 13.11 4.09
CA PRO A 301 16.19 11.74 3.74
C PRO A 301 15.26 11.92 2.51
N PRO A 302 15.19 10.93 1.60
CA PRO A 302 14.35 11.01 0.41
C PRO A 302 12.86 11.18 0.69
N CYS A 303 12.26 12.19 0.06
CA CYS A 303 10.82 12.51 0.19
C CYS A 303 10.41 12.88 1.58
N THR A 304 11.36 13.41 2.33
CA THR A 304 11.12 13.78 3.71
C THR A 304 11.28 15.27 3.94
N ASN A 305 10.29 15.86 4.59
CA ASN A 305 10.28 17.29 4.92
C ASN A 305 10.79 17.40 6.35
N THR A 306 12.05 17.81 6.48
CA THR A 306 12.70 17.94 7.77
C THR A 306 12.39 19.23 8.53
N THR A 307 11.60 20.12 7.93
CA THR A 307 11.26 21.40 8.52
C THR A 307 10.73 21.41 9.97
N ALA A 308 9.62 20.74 10.22
CA ALA A 308 9.09 20.69 11.57
C ALA A 308 10.20 20.42 12.61
N ALA A 309 10.87 19.27 12.49
CA ALA A 309 11.95 18.87 13.40
C ALA A 309 13.14 19.83 13.47
N SER A 310 13.62 20.29 12.34
CA SER A 310 14.74 21.20 12.29
C SER A 310 14.36 22.53 12.90
N THR A 311 13.12 22.95 12.68
CA THR A 311 12.63 24.21 13.20
C THR A 311 12.52 24.17 14.72
N TYR A 312 12.21 22.98 15.24
CA TYR A 312 12.08 22.79 16.68
C TYR A 312 13.44 22.79 17.38
N LEU A 313 14.30 21.90 16.91
CA LEU A 313 15.63 21.70 17.48
C LEU A 313 16.61 22.86 17.43
N ASN A 314 16.45 23.70 16.41
CA ASN A 314 17.29 24.87 16.20
C ASN A 314 16.84 26.13 16.96
N ASN A 315 15.82 25.96 17.78
CA ASN A 315 15.26 27.04 18.58
C ASN A 315 16.18 27.14 19.80
N PRO A 316 16.80 28.32 20.00
CA PRO A 316 17.72 28.66 21.09
C PRO A 316 17.27 28.10 22.42
N TYR A 317 15.98 28.26 22.69
CA TYR A 317 15.43 27.76 23.93
C TYR A 317 15.42 26.25 24.04
N VAL A 318 15.26 25.58 22.90
CA VAL A 318 15.25 24.12 22.90
C VAL A 318 16.70 23.67 23.08
N ARG A 319 17.61 24.32 22.37
CA ARG A 319 19.02 24.00 22.50
C ARG A 319 19.44 24.22 23.93
N LYS A 320 18.95 25.30 24.55
CA LYS A 320 19.25 25.61 25.96
C LYS A 320 18.76 24.45 26.79
N ALA A 321 17.46 24.17 26.67
CA ALA A 321 16.79 23.09 27.41
C ALA A 321 17.47 21.71 27.29
N LEU A 322 17.94 21.40 26.09
CA LEU A 322 18.59 20.12 25.84
C LEU A 322 20.07 20.10 26.21
N ASN A 323 20.54 21.18 26.83
CA ASN A 323 21.92 21.30 27.29
C ASN A 323 22.93 21.23 26.13
N ILE A 324 22.68 22.03 25.10
CA ILE A 324 23.53 22.06 23.91
C ILE A 324 24.51 23.22 23.85
N PRO A 325 25.82 22.91 23.79
CA PRO A 325 26.86 23.94 23.72
C PRO A 325 26.48 24.90 22.61
N GLU A 326 26.36 26.16 22.97
CA GLU A 326 25.98 27.21 22.03
C GLU A 326 26.85 27.28 20.78
N GLN A 327 28.10 26.89 20.93
CA GLN A 327 29.05 26.92 19.82
C GLN A 327 28.70 25.92 18.70
N LEU A 328 28.08 24.80 19.05
CA LEU A 328 27.73 23.80 18.04
C LEU A 328 26.92 24.43 16.92
N PRO A 329 27.18 24.02 15.65
CA PRO A 329 26.44 24.59 14.52
C PRO A 329 25.01 24.04 14.50
N GLN A 330 24.20 24.60 13.61
CA GLN A 330 22.80 24.19 13.52
C GLN A 330 22.57 22.73 13.23
N TRP A 331 21.46 22.24 13.77
CA TRP A 331 21.02 20.88 13.65
C TRP A 331 20.37 20.65 12.29
N ASP A 332 20.71 19.51 11.67
CA ASP A 332 20.13 19.08 10.40
C ASP A 332 19.86 17.62 10.71
N MET A 333 18.84 17.04 10.09
CA MET A 333 18.52 15.63 10.33
C MET A 333 19.62 14.70 9.84
N CYS A 334 20.28 15.08 8.75
CA CYS A 334 21.37 14.27 8.20
C CYS A 334 22.53 15.19 7.92
N ASN A 335 23.75 14.69 8.12
CA ASN A 335 24.92 15.48 7.76
C ASN A 335 25.48 15.02 6.41
N PHE A 336 25.43 15.91 5.42
CA PHE A 336 25.93 15.59 4.09
C PHE A 336 27.38 15.10 4.12
N LEU A 337 28.27 15.90 4.67
CA LEU A 337 29.68 15.54 4.76
C LEU A 337 29.96 14.20 5.42
N VAL A 338 29.25 13.90 6.50
CA VAL A 338 29.43 12.63 7.18
C VAL A 338 29.10 11.48 6.22
N ASN A 339 27.94 11.59 5.56
CA ASN A 339 27.45 10.60 4.60
C ASN A 339 28.41 10.44 3.40
N LEU A 340 28.77 11.57 2.81
CA LEU A 340 29.68 11.65 1.68
C LEU A 340 31.04 11.00 1.97
N GLN A 341 31.58 11.25 3.15
CA GLN A 341 32.90 10.72 3.50
C GLN A 341 32.85 9.39 4.20
N TYR A 342 31.66 8.85 4.43
CA TYR A 342 31.56 7.59 5.11
C TYR A 342 32.13 6.44 4.32
N ARG A 343 32.75 5.48 5.01
CA ARG A 343 33.28 4.31 4.36
C ARG A 343 32.64 3.04 4.85
N ARG A 344 31.81 2.43 4.00
CA ARG A 344 31.15 1.17 4.28
C ARG A 344 32.24 0.12 4.12
N LEU A 345 32.31 -0.82 5.05
CA LEU A 345 33.34 -1.84 5.03
C LEU A 345 32.81 -3.27 4.96
N TYR A 346 31.73 -3.54 5.68
CA TYR A 346 31.15 -4.89 5.68
C TYR A 346 30.33 -5.08 4.44
N ARG A 347 30.27 -6.31 3.96
CA ARG A 347 29.53 -6.63 2.76
C ARG A 347 28.10 -7.02 3.15
N SER A 348 27.97 -7.64 4.32
CA SER A 348 26.72 -8.13 4.86
C SER A 348 26.90 -8.39 6.36
N MET A 349 25.78 -8.50 7.07
CA MET A 349 25.75 -8.74 8.52
C MET A 349 25.65 -10.20 8.91
N ASN A 350 25.83 -11.08 7.91
CA ASN A 350 25.73 -12.52 8.14
C ASN A 350 26.63 -13.02 9.29
N SER A 351 27.91 -12.68 9.24
CA SER A 351 28.82 -13.15 10.30
C SER A 351 28.47 -12.67 11.71
N GLN A 352 28.06 -11.41 11.80
CA GLN A 352 27.68 -10.80 13.07
C GLN A 352 26.48 -11.49 13.65
N TYR A 353 25.48 -11.72 12.80
CA TYR A 353 24.27 -12.39 13.25
C TYR A 353 24.58 -13.84 13.58
N LEU A 354 25.49 -14.44 12.82
CA LEU A 354 25.85 -15.83 13.12
C LEU A 354 26.57 -15.91 14.48
N LYS A 355 27.42 -14.92 14.74
CA LYS A 355 28.18 -14.82 15.98
C LYS A 355 27.25 -14.59 17.17
N LEU A 356 26.23 -13.76 16.98
CA LEU A 356 25.27 -13.47 18.04
C LEU A 356 24.33 -14.66 18.25
N LEU A 357 24.01 -15.38 17.18
CA LEU A 357 23.10 -16.52 17.28
C LEU A 357 23.75 -17.74 17.91
N SER A 358 25.06 -17.85 17.76
CA SER A 358 25.84 -18.99 18.28
C SER A 358 25.77 -19.13 19.81
N SER A 359 25.67 -17.98 20.48
CA SER A 359 25.58 -17.91 21.94
C SER A 359 24.23 -18.38 22.42
N GLN A 360 23.20 -18.16 21.61
CA GLN A 360 21.84 -18.55 21.95
C GLN A 360 21.36 -17.90 23.25
N LYS A 361 21.87 -16.70 23.50
CA LYS A 361 21.51 -15.94 24.70
C LYS A 361 20.65 -14.73 24.32
N TYR A 362 20.74 -14.33 23.05
CA TYR A 362 20.03 -13.16 22.57
C TYR A 362 18.74 -13.35 21.79
N GLN A 363 17.83 -12.39 22.01
CA GLN A 363 16.53 -12.31 21.38
C GLN A 363 16.72 -11.36 20.21
N ILE A 364 16.52 -11.86 18.99
CA ILE A 364 16.69 -11.04 17.79
C ILE A 364 15.45 -10.97 16.92
N LEU A 365 15.19 -9.77 16.42
CA LEU A 365 14.04 -9.52 15.56
C LEU A 365 14.44 -8.58 14.43
N LEU A 366 14.09 -8.93 13.20
CA LEU A 366 14.33 -8.05 12.04
C LEU A 366 12.89 -7.76 11.59
N TYR A 367 12.48 -6.50 11.52
CA TYR A 367 11.12 -6.22 11.12
C TYR A 367 11.13 -5.22 9.98
N ASN A 368 10.29 -5.45 8.99
CA ASN A 368 10.26 -4.57 7.82
C ASN A 368 8.86 -4.15 7.44
N GLY A 369 8.69 -2.87 7.13
CA GLY A 369 7.42 -2.37 6.66
C GLY A 369 7.42 -2.82 5.21
N ASP A 370 6.36 -3.51 4.80
CA ASP A 370 6.29 -4.06 3.43
C ASP A 370 6.04 -3.21 2.17
N VAL A 371 5.99 -1.88 2.30
CA VAL A 371 5.77 -0.98 1.15
C VAL A 371 6.94 -0.02 0.97
N ASP A 372 8.01 -0.33 1.68
CA ASP A 372 9.25 0.41 1.63
C ASP A 372 10.04 -0.16 0.47
N MET A 373 10.81 0.71 -0.19
CA MET A 373 11.66 0.30 -1.29
C MET A 373 13.16 0.56 -1.00
N ALA A 374 13.47 1.31 0.06
CA ALA A 374 14.85 1.60 0.44
C ALA A 374 15.49 0.37 1.07
N CYS A 375 14.73 -0.37 1.87
CA CYS A 375 15.21 -1.62 2.50
C CYS A 375 14.00 -2.57 2.53
N ASN A 376 13.49 -2.87 1.34
CA ASN A 376 12.31 -3.74 1.20
C ASN A 376 12.34 -5.00 2.05
N PHE A 377 11.16 -5.44 2.47
CA PHE A 377 11.02 -6.61 3.32
C PHE A 377 11.61 -7.92 2.73
N MET A 378 11.63 -8.03 1.39
CA MET A 378 12.09 -9.25 0.74
C MET A 378 13.57 -9.49 0.92
N GLY A 379 14.36 -8.46 0.66
CA GLY A 379 15.80 -8.50 0.84
C GLY A 379 16.13 -8.91 2.27
N ASP A 380 15.35 -8.43 3.23
CA ASP A 380 15.59 -8.80 4.61
C ASP A 380 15.03 -10.16 4.95
N GLU A 381 14.02 -10.60 4.21
CA GLU A 381 13.49 -11.91 4.50
C GLU A 381 14.44 -12.94 3.93
N TRP A 382 15.05 -12.62 2.80
CA TRP A 382 16.02 -13.52 2.17
C TRP A 382 17.19 -13.65 3.15
N PHE A 383 17.67 -12.50 3.62
CA PHE A 383 18.77 -12.44 4.55
C PHE A 383 18.57 -13.42 5.68
N VAL A 384 17.46 -13.28 6.39
CA VAL A 384 17.18 -14.14 7.53
C VAL A 384 17.11 -15.62 7.19
N ASP A 385 16.63 -15.92 5.99
CA ASP A 385 16.54 -17.31 5.57
C ASP A 385 17.91 -17.86 5.27
N SER A 386 18.79 -17.01 4.76
CA SER A 386 20.16 -17.41 4.42
C SER A 386 21.02 -17.70 5.66
N LEU A 387 20.53 -17.36 6.84
CA LEU A 387 21.30 -17.64 8.04
C LEU A 387 21.19 -19.14 8.31
N ASN A 388 20.28 -19.82 7.63
CA ASN A 388 20.06 -21.26 7.75
C ASN A 388 19.94 -21.74 9.22
N GLN A 389 19.00 -21.15 9.96
CA GLN A 389 18.82 -21.53 11.36
C GLN A 389 17.68 -22.53 11.51
N LYS A 390 17.56 -23.11 12.71
CA LYS A 390 16.48 -24.06 12.99
C LYS A 390 15.15 -23.31 13.08
N MET A 391 14.16 -23.78 12.32
CA MET A 391 12.86 -23.13 12.32
C MET A 391 12.08 -23.46 13.57
N GLU A 392 11.53 -22.44 14.20
CA GLU A 392 10.71 -22.61 15.40
C GLU A 392 9.24 -22.44 15.04
N VAL A 393 8.98 -21.67 13.99
CA VAL A 393 7.62 -21.44 13.55
C VAL A 393 7.51 -21.19 12.06
N GLN A 394 6.62 -21.94 11.43
CA GLN A 394 6.34 -21.82 10.01
C GLN A 394 5.64 -20.45 9.83
N ARG A 395 5.96 -19.75 8.74
CA ARG A 395 5.41 -18.43 8.45
C ARG A 395 3.91 -18.34 8.70
N ARG A 396 3.50 -17.23 9.29
CA ARG A 396 2.11 -17.06 9.64
C ARG A 396 1.90 -15.59 9.82
N PRO A 397 0.64 -15.13 9.86
CA PRO A 397 0.36 -13.70 10.04
C PRO A 397 0.28 -13.38 11.54
N TRP A 398 0.49 -12.12 11.91
CA TRP A 398 0.40 -11.75 13.31
C TRP A 398 -0.68 -10.69 13.39
N LEU A 399 -1.41 -10.68 14.50
CA LEU A 399 -2.53 -9.77 14.69
C LEU A 399 -2.43 -8.63 15.69
N VAL A 400 -3.27 -7.63 15.47
CA VAL A 400 -3.33 -6.44 16.31
C VAL A 400 -4.79 -6.03 16.35
N LYS A 401 -5.31 -5.95 17.56
CA LYS A 401 -6.68 -5.53 17.81
C LYS A 401 -6.71 -4.01 17.78
N TYR A 402 -7.42 -3.44 16.81
CA TYR A 402 -7.49 -1.99 16.68
C TYR A 402 -8.71 -1.46 17.37
N GLY A 403 -8.67 -0.21 17.85
CA GLY A 403 -9.80 0.44 18.51
C GLY A 403 -11.10 -0.15 18.01
N ASP A 404 -11.34 -1.32 18.57
CA ASP A 404 -12.38 -2.25 18.25
C ASP A 404 -13.15 -2.33 16.96
N SER A 405 -12.29 -2.42 15.95
CA SER A 405 -12.60 -2.60 14.56
C SER A 405 -12.03 -4.02 14.41
N GLY A 406 -12.00 -4.72 15.55
CA GLY A 406 -11.50 -6.07 15.66
C GLY A 406 -10.03 -6.28 15.42
N GLU A 407 -9.57 -7.50 15.65
CA GLU A 407 -8.18 -7.84 15.41
C GLU A 407 -8.04 -7.90 13.91
N GLN A 408 -6.87 -7.48 13.45
CA GLN A 408 -6.55 -7.43 12.03
C GLN A 408 -5.15 -7.99 11.87
N ILE A 409 -4.88 -8.53 10.68
CA ILE A 409 -3.55 -9.05 10.35
C ILE A 409 -2.62 -7.84 10.25
N ALA A 410 -1.57 -7.82 11.08
CA ALA A 410 -0.64 -6.71 11.08
C ALA A 410 0.57 -6.97 10.17
N GLY A 411 0.76 -8.22 9.78
CA GLY A 411 1.86 -8.59 8.93
C GLY A 411 2.04 -10.08 9.07
N PHE A 412 3.20 -10.57 8.63
CA PHE A 412 3.56 -12.00 8.70
C PHE A 412 4.86 -12.20 9.49
N VAL A 413 4.98 -13.34 10.15
CA VAL A 413 6.15 -13.63 10.97
C VAL A 413 6.75 -15.03 10.73
N LYS A 414 8.07 -15.08 10.60
CA LYS A 414 8.84 -16.32 10.45
C LYS A 414 9.72 -16.46 11.71
N GLU A 415 9.59 -17.54 12.45
CA GLU A 415 10.43 -17.69 13.64
C GLU A 415 11.36 -18.87 13.52
N PHE A 416 12.59 -18.66 13.96
CA PHE A 416 13.62 -19.68 13.99
C PHE A 416 14.02 -19.59 15.44
N SER A 417 14.98 -20.39 15.88
CA SER A 417 15.37 -20.26 17.27
C SER A 417 16.27 -19.02 17.43
N HIS A 418 15.82 -18.10 18.27
CA HIS A 418 16.55 -16.86 18.57
C HIS A 418 16.47 -15.73 17.57
N ILE A 419 15.85 -15.98 16.42
CA ILE A 419 15.69 -14.93 15.43
C ILE A 419 14.33 -15.06 14.75
N ALA A 420 13.68 -13.92 14.56
CA ALA A 420 12.37 -13.85 13.93
C ALA A 420 12.40 -12.74 12.89
N PHE A 421 11.74 -12.98 11.76
CA PHE A 421 11.63 -11.98 10.70
C PHE A 421 10.16 -11.64 10.73
N LEU A 422 9.84 -10.36 10.59
CA LEU A 422 8.46 -9.97 10.67
C LEU A 422 8.19 -8.79 9.76
N THR A 423 6.99 -8.76 9.15
CA THR A 423 6.58 -7.65 8.27
C THR A 423 5.45 -6.84 8.94
N ILE A 424 5.39 -5.55 8.61
CA ILE A 424 4.34 -4.70 9.09
C ILE A 424 3.66 -4.29 7.79
N LYS A 425 2.49 -4.87 7.59
CA LYS A 425 1.69 -4.66 6.40
C LYS A 425 1.20 -3.24 6.29
N GLY A 426 1.50 -2.57 5.18
CA GLY A 426 1.08 -1.19 5.00
C GLY A 426 2.07 -0.15 5.50
N ALA A 427 3.18 -0.58 6.10
CA ALA A 427 4.20 0.32 6.63
C ALA A 427 5.39 0.49 5.68
N GLY A 428 5.97 1.69 5.69
CA GLY A 428 7.12 1.98 4.88
C GLY A 428 8.40 1.83 5.70
N HIS A 429 9.42 2.57 5.31
CA HIS A 429 10.74 2.53 5.96
C HIS A 429 10.76 2.86 7.45
N MET A 430 9.93 3.84 7.79
CA MET A 430 9.79 4.29 9.16
C MET A 430 8.51 3.73 9.70
N VAL A 431 8.55 2.44 9.99
CA VAL A 431 7.45 1.66 10.51
C VAL A 431 6.67 2.33 11.67
N PRO A 432 7.38 2.89 12.69
CA PRO A 432 6.65 3.53 13.81
C PRO A 432 5.81 4.74 13.38
N THR A 433 6.28 5.44 12.36
CA THR A 433 5.58 6.59 11.84
C THR A 433 4.31 6.17 11.07
N ASP A 434 4.36 5.05 10.36
CA ASP A 434 3.22 4.61 9.56
C ASP A 434 2.20 3.77 10.30
N LYS A 435 2.70 2.88 11.15
CA LYS A 435 1.85 1.99 11.93
C LYS A 435 2.26 2.08 13.40
N PRO A 436 1.89 3.19 14.09
CA PRO A 436 2.21 3.42 15.51
C PRO A 436 1.77 2.32 16.46
N LEU A 437 0.50 1.94 16.43
CA LEU A 437 0.00 0.91 17.32
C LEU A 437 0.64 -0.44 17.08
N ALA A 438 0.75 -0.84 15.81
CA ALA A 438 1.37 -2.15 15.50
C ALA A 438 2.87 -2.18 15.85
N ALA A 439 3.59 -1.09 15.59
CA ALA A 439 5.02 -0.99 15.91
C ALA A 439 5.22 -1.20 17.42
N PHE A 440 4.31 -0.61 18.19
CA PHE A 440 4.34 -0.70 19.65
C PHE A 440 3.99 -2.09 20.13
N THR A 441 2.98 -2.69 19.51
CA THR A 441 2.55 -4.03 19.88
C THR A 441 3.69 -5.00 19.61
N MET A 442 4.34 -4.81 18.48
CA MET A 442 5.48 -5.63 18.11
C MET A 442 6.62 -5.40 19.09
N PHE A 443 6.89 -4.14 19.44
CA PHE A 443 7.95 -3.79 20.40
C PHE A 443 7.69 -4.44 21.73
N SER A 444 6.47 -4.30 22.22
CA SER A 444 6.05 -4.89 23.48
C SER A 444 6.20 -6.42 23.55
N ARG A 445 5.79 -7.14 22.52
CA ARG A 445 5.91 -8.61 22.54
C ARG A 445 7.36 -9.08 22.44
N PHE A 446 8.19 -8.28 21.81
CA PHE A 446 9.62 -8.55 21.67
C PHE A 446 10.24 -8.50 23.07
N LEU A 447 10.15 -7.32 23.69
CA LEU A 447 10.69 -7.11 25.04
C LEU A 447 10.23 -8.17 26.01
N ASN A 448 8.93 -8.43 25.96
CA ASN A 448 8.29 -9.38 26.84
C ASN A 448 8.44 -10.83 26.42
N LYS A 449 9.13 -11.09 25.33
CA LYS A 449 9.31 -12.48 24.86
C LYS A 449 7.97 -13.20 24.66
N GLN A 450 6.96 -12.45 24.17
CA GLN A 450 5.65 -13.01 23.89
C GLN A 450 5.63 -13.33 22.39
N PRO A 451 4.88 -14.38 21.98
CA PRO A 451 4.88 -14.66 20.54
C PRO A 451 4.15 -13.51 19.84
N TYR A 452 4.60 -13.17 18.64
CA TYR A 452 4.03 -12.06 17.88
C TYR A 452 2.65 -12.40 17.38
N ALA B 1 -37.78 12.64 -21.47
CA ALA B 1 -37.36 11.87 -20.27
C ALA B 1 -38.64 11.46 -19.60
N PRO B 2 -38.63 10.36 -18.84
CA PRO B 2 -39.83 9.90 -18.15
C PRO B 2 -40.07 10.70 -16.87
N ASP B 3 -40.89 11.75 -17.00
CA ASP B 3 -41.26 12.66 -15.91
C ASP B 3 -41.65 11.93 -14.63
N GLN B 4 -42.39 10.85 -14.80
CA GLN B 4 -42.86 10.06 -13.70
C GLN B 4 -41.75 9.34 -12.97
N ASP B 5 -40.58 9.26 -13.60
CA ASP B 5 -39.42 8.58 -13.02
C ASP B 5 -38.54 9.52 -12.19
N GLU B 6 -38.64 10.81 -12.45
CA GLU B 6 -37.84 11.80 -11.73
C GLU B 6 -37.86 11.69 -10.23
N ILE B 7 -36.69 11.75 -9.62
CA ILE B 7 -36.59 11.67 -8.16
C ILE B 7 -36.77 13.11 -7.73
N GLN B 8 -37.94 13.41 -7.15
CA GLN B 8 -38.27 14.77 -6.73
C GLN B 8 -37.59 15.32 -5.44
N ARG B 9 -37.57 14.51 -4.38
CA ARG B 9 -36.93 14.91 -3.15
C ARG B 9 -36.35 13.65 -2.55
N LEU B 10 -35.04 13.45 -2.70
CA LEU B 10 -34.37 12.25 -2.17
C LEU B 10 -34.03 12.42 -0.67
N PRO B 11 -34.45 11.47 0.16
CA PRO B 11 -34.17 11.55 1.60
C PRO B 11 -32.68 11.49 1.89
N GLY B 12 -32.25 12.18 2.95
CA GLY B 12 -30.86 12.15 3.34
C GLY B 12 -30.04 13.34 2.95
N LEU B 13 -30.46 14.03 1.89
CA LEU B 13 -29.74 15.20 1.43
C LEU B 13 -30.26 16.46 2.13
N ALA B 14 -29.36 17.21 2.73
CA ALA B 14 -29.77 18.42 3.42
C ALA B 14 -30.06 19.56 2.43
N LYS B 15 -29.58 19.41 1.21
CA LYS B 15 -29.78 20.45 0.22
C LYS B 15 -30.19 19.72 -1.03
N GLN B 16 -31.17 20.22 -1.75
CA GLN B 16 -31.59 19.51 -2.94
C GLN B 16 -30.56 19.71 -4.06
N PRO B 17 -30.45 18.72 -4.96
CA PRO B 17 -29.51 18.71 -6.08
C PRO B 17 -29.78 19.78 -7.10
N SER B 18 -28.73 20.13 -7.84
CA SER B 18 -28.80 21.12 -8.90
C SER B 18 -29.14 20.44 -10.22
N PHE B 19 -28.99 19.12 -10.26
CA PHE B 19 -29.22 18.35 -11.48
C PHE B 19 -30.42 17.45 -11.33
N ARG B 20 -31.07 17.13 -12.45
CA ARG B 20 -32.24 16.24 -12.43
C ARG B 20 -31.74 14.79 -12.41
N GLN B 21 -32.45 13.92 -11.70
CA GLN B 21 -32.06 12.54 -11.61
C GLN B 21 -33.33 11.69 -11.67
N TYR B 22 -33.21 10.51 -12.28
CA TYR B 22 -34.35 9.64 -12.47
C TYR B 22 -34.07 8.24 -11.98
N SER B 23 -35.13 7.59 -11.52
CA SER B 23 -35.05 6.24 -11.04
C SER B 23 -36.28 5.49 -11.53
N GLY B 24 -36.06 4.41 -12.27
CA GLY B 24 -37.17 3.64 -12.77
C GLY B 24 -36.68 2.26 -13.18
N TYR B 25 -37.33 1.70 -14.20
CA TYR B 25 -36.99 0.38 -14.72
C TYR B 25 -36.81 0.36 -16.24
N LEU B 26 -35.84 -0.43 -16.69
CA LEU B 26 -35.55 -0.57 -18.11
C LEU B 26 -35.98 -1.98 -18.43
N LYS B 27 -36.91 -2.10 -19.39
CA LYS B 27 -37.42 -3.41 -19.78
C LYS B 27 -36.43 -4.15 -20.67
N SER B 28 -36.30 -5.46 -20.43
CA SER B 28 -35.39 -6.30 -21.23
C SER B 28 -36.10 -7.63 -21.51
N SER B 29 -35.41 -8.52 -22.22
CA SER B 29 -35.90 -9.85 -22.59
C SER B 29 -36.79 -10.49 -21.54
N GLY B 30 -37.84 -11.16 -21.99
CA GLY B 30 -38.73 -11.84 -21.08
C GLY B 30 -39.38 -11.03 -19.96
N SER B 31 -39.55 -11.63 -18.79
CA SER B 31 -40.20 -10.95 -17.65
C SER B 31 -39.34 -9.88 -16.95
N LYS B 32 -38.23 -9.44 -17.56
CA LYS B 32 -37.29 -8.52 -16.90
C LYS B 32 -37.38 -7.03 -16.88
N HIS B 33 -37.24 -6.48 -15.67
CA HIS B 33 -37.25 -5.04 -15.45
C HIS B 33 -36.03 -4.71 -14.61
N LEU B 34 -35.12 -3.98 -15.22
CA LEU B 34 -33.90 -3.62 -14.55
C LEU B 34 -34.01 -2.23 -13.95
N HIS B 35 -33.78 -2.14 -12.63
CA HIS B 35 -33.82 -0.85 -11.99
C HIS B 35 -32.63 0.04 -12.40
N TYR B 36 -32.91 1.22 -12.91
CA TYR B 36 -31.84 2.12 -13.28
C TYR B 36 -31.97 3.33 -12.36
N TRP B 37 -30.92 4.13 -12.28
CA TRP B 37 -30.92 5.34 -11.49
C TRP B 37 -29.97 6.20 -12.31
N PHE B 38 -30.58 7.10 -13.04
CA PHE B 38 -29.85 7.99 -13.91
C PHE B 38 -29.64 9.34 -13.24
N VAL B 39 -28.42 9.85 -13.27
CA VAL B 39 -28.13 11.14 -12.69
C VAL B 39 -27.50 11.96 -13.80
N GLU B 40 -28.15 13.07 -14.14
CA GLU B 40 -27.65 13.92 -15.21
C GLU B 40 -26.39 14.69 -14.86
N SER B 41 -25.66 15.09 -15.90
CA SER B 41 -24.43 15.83 -15.74
C SER B 41 -24.77 17.12 -15.08
N GLN B 42 -23.90 17.51 -14.15
CA GLN B 42 -24.06 18.72 -13.37
C GLN B 42 -23.70 19.94 -14.19
N LYS B 43 -23.21 19.71 -15.38
CA LYS B 43 -22.87 20.80 -16.24
C LYS B 43 -23.20 20.36 -17.65
N ASP B 44 -24.07 21.13 -18.30
CA ASP B 44 -24.50 20.86 -19.67
C ASP B 44 -24.87 19.41 -19.99
N PRO B 45 -25.83 18.84 -19.25
CA PRO B 45 -26.25 17.46 -19.48
C PRO B 45 -26.72 17.24 -20.90
N GLU B 46 -27.24 18.31 -21.50
CA GLU B 46 -27.75 18.26 -22.85
C GLU B 46 -26.68 17.82 -23.85
N ASN B 47 -25.45 18.27 -23.62
CA ASN B 47 -24.34 17.95 -24.50
C ASN B 47 -23.33 16.96 -23.90
N SER B 48 -23.56 16.57 -22.63
CA SER B 48 -22.68 15.64 -21.95
C SER B 48 -22.91 14.20 -22.40
N PRO B 49 -21.82 13.41 -22.42
CA PRO B 49 -21.89 12.00 -22.82
C PRO B 49 -22.72 11.19 -21.85
N VAL B 50 -23.36 10.16 -22.38
CA VAL B 50 -24.14 9.25 -21.58
C VAL B 50 -23.09 8.20 -21.20
N VAL B 51 -23.04 7.85 -19.91
CA VAL B 51 -22.09 6.90 -19.41
C VAL B 51 -22.78 5.82 -18.61
N LEU B 52 -22.74 4.58 -19.09
CA LEU B 52 -23.35 3.50 -18.35
C LEU B 52 -22.33 3.02 -17.34
N TRP B 53 -22.76 2.73 -16.12
CA TRP B 53 -21.89 2.20 -15.11
C TRP B 53 -22.46 0.90 -14.60
N LEU B 54 -21.66 -0.16 -14.66
CA LEU B 54 -22.11 -1.45 -14.14
C LEU B 54 -21.08 -1.97 -13.17
N ASN B 55 -21.55 -2.52 -12.06
CA ASN B 55 -20.68 -3.10 -11.06
C ASN B 55 -20.66 -4.60 -11.42
N GLY B 56 -20.04 -5.44 -10.60
CA GLY B 56 -19.99 -6.84 -10.98
C GLY B 56 -20.64 -7.82 -10.06
N GLY B 57 -19.83 -8.78 -9.62
CA GLY B 57 -20.28 -9.82 -8.74
C GLY B 57 -19.68 -11.15 -9.18
N PRO B 58 -20.35 -11.93 -10.08
CA PRO B 58 -21.64 -11.59 -10.66
C PRO B 58 -22.78 -11.68 -9.66
N GLY B 59 -23.71 -10.72 -9.74
CA GLY B 59 -24.86 -10.71 -8.86
C GLY B 59 -24.90 -9.55 -7.88
N CYS B 60 -24.08 -8.53 -8.08
CA CYS B 60 -24.03 -7.36 -7.19
C CYS B 60 -24.56 -6.07 -7.86
N SER B 61 -25.00 -5.15 -7.02
CA SER B 61 -25.61 -3.89 -7.45
C SER B 61 -24.74 -2.71 -7.86
N SER B 62 -25.13 -2.03 -8.96
CA SER B 62 -24.45 -0.84 -9.50
C SER B 62 -24.69 0.39 -8.64
N LEU B 63 -25.62 0.28 -7.70
CA LEU B 63 -25.92 1.38 -6.77
C LEU B 63 -24.76 1.51 -5.79
N ASP B 64 -23.95 0.46 -5.75
CA ASP B 64 -22.75 0.40 -4.94
C ASP B 64 -21.85 1.44 -5.60
N GLY B 65 -21.74 1.42 -6.92
CA GLY B 65 -20.92 2.41 -7.60
C GLY B 65 -21.42 3.82 -7.34
N LEU B 66 -22.72 3.97 -7.19
CA LEU B 66 -23.34 5.29 -6.96
C LEU B 66 -23.12 5.78 -5.54
N LEU B 67 -23.73 5.06 -4.62
CA LEU B 67 -23.68 5.39 -3.21
C LEU B 67 -22.33 5.28 -2.50
N THR B 68 -21.40 4.45 -2.99
CA THR B 68 -20.13 4.32 -2.31
C THR B 68 -18.88 4.62 -3.11
N GLU B 69 -19.00 4.70 -4.44
CA GLU B 69 -17.87 4.97 -5.33
C GLU B 69 -17.78 6.33 -5.97
N HIS B 70 -18.58 6.59 -6.99
CA HIS B 70 -18.50 7.88 -7.65
C HIS B 70 -19.82 8.56 -7.98
N GLY B 71 -20.85 8.28 -7.19
CA GLY B 71 -22.17 8.90 -7.37
C GLY B 71 -22.11 10.34 -6.92
N PRO B 72 -23.12 11.17 -7.26
CA PRO B 72 -23.09 12.59 -6.86
C PRO B 72 -23.11 12.84 -5.34
N PHE B 73 -23.47 11.81 -4.60
CA PHE B 73 -23.53 11.85 -3.14
C PHE B 73 -23.29 10.43 -2.69
N LEU B 74 -22.74 10.27 -1.49
CA LEU B 74 -22.41 8.94 -0.99
C LEU B 74 -23.03 8.77 0.34
N VAL B 75 -23.32 7.52 0.69
CA VAL B 75 -23.95 7.21 1.93
C VAL B 75 -22.94 7.24 3.07
N GLN B 76 -23.39 7.81 4.18
CA GLN B 76 -22.57 7.94 5.37
C GLN B 76 -22.86 6.74 6.25
N PRO B 77 -21.94 6.43 7.16
CA PRO B 77 -22.06 5.29 8.08
C PRO B 77 -23.37 5.11 8.79
N ASP B 78 -24.12 6.20 8.97
CA ASP B 78 -25.42 6.12 9.63
C ASP B 78 -26.48 5.46 8.74
N GLY B 79 -26.18 5.37 7.45
CA GLY B 79 -27.12 4.76 6.52
C GLY B 79 -28.39 5.59 6.47
N VAL B 80 -28.22 6.88 6.69
CA VAL B 80 -29.32 7.82 6.72
C VAL B 80 -28.93 9.07 5.93
N THR B 81 -27.70 9.51 6.13
CA THR B 81 -27.24 10.72 5.49
C THR B 81 -26.47 10.49 4.21
N LEU B 82 -26.66 11.41 3.27
CA LEU B 82 -25.98 11.37 2.00
C LEU B 82 -25.21 12.66 1.96
N GLU B 83 -23.94 12.60 1.55
CA GLU B 83 -23.12 13.79 1.43
C GLU B 83 -22.69 13.92 0.00
N TYR B 84 -22.75 15.12 -0.56
CA TYR B 84 -22.34 15.33 -1.94
C TYR B 84 -20.87 14.93 -2.17
N ASN B 85 -20.61 14.45 -3.38
CA ASN B 85 -19.29 13.97 -3.75
C ASN B 85 -18.67 14.91 -4.74
N PRO B 86 -17.63 15.63 -4.31
CA PRO B 86 -16.96 16.58 -5.18
C PRO B 86 -16.15 15.93 -6.31
N TYR B 87 -16.04 14.61 -6.30
CA TYR B 87 -15.29 13.91 -7.33
C TYR B 87 -16.25 13.06 -8.17
N SER B 88 -17.53 13.38 -8.08
CA SER B 88 -18.56 12.65 -8.80
C SER B 88 -18.30 12.60 -10.31
N TRP B 89 -18.57 11.45 -10.92
CA TRP B 89 -18.37 11.31 -12.36
C TRP B 89 -19.47 12.07 -13.09
N ASN B 90 -20.60 12.29 -12.40
CA ASN B 90 -21.72 13.04 -12.99
C ASN B 90 -21.44 14.53 -13.03
N LEU B 91 -20.28 14.94 -12.57
CA LEU B 91 -19.91 16.35 -12.67
C LEU B 91 -19.75 16.65 -14.16
N ILE B 92 -19.37 15.65 -14.96
CA ILE B 92 -19.13 15.85 -16.40
C ILE B 92 -19.84 14.86 -17.35
N ALA B 93 -20.67 13.98 -16.81
CA ALA B 93 -21.35 13.01 -17.65
C ALA B 93 -22.74 12.75 -17.09
N ASN B 94 -23.61 12.27 -17.98
CA ASN B 94 -24.98 11.90 -17.61
C ASN B 94 -24.78 10.42 -17.30
N VAL B 95 -24.57 10.09 -16.02
CA VAL B 95 -24.30 8.71 -15.63
C VAL B 95 -25.57 7.86 -15.37
N LEU B 96 -25.56 6.65 -15.92
CA LEU B 96 -26.65 5.71 -15.80
C LEU B 96 -26.18 4.48 -15.03
N TYR B 97 -26.64 4.35 -13.78
CA TYR B 97 -26.31 3.21 -12.93
C TYR B 97 -27.44 2.21 -13.13
N LEU B 98 -27.09 0.97 -13.49
CA LEU B 98 -28.11 -0.04 -13.78
C LEU B 98 -27.91 -1.29 -12.96
N GLU B 99 -28.94 -1.69 -12.23
CA GLU B 99 -28.91 -2.90 -11.40
C GLU B 99 -29.19 -4.11 -12.28
N SER B 100 -28.18 -4.96 -12.42
CA SER B 100 -28.25 -6.09 -13.32
C SER B 100 -27.39 -7.25 -12.84
N PRO B 101 -27.77 -8.50 -13.17
CA PRO B 101 -28.97 -8.79 -13.94
C PRO B 101 -30.23 -8.84 -13.04
N ALA B 102 -31.32 -9.31 -13.62
CA ALA B 102 -32.58 -9.41 -12.92
C ALA B 102 -32.38 -10.16 -11.64
N GLY B 103 -32.97 -9.63 -10.57
CA GLY B 103 -32.87 -10.26 -9.27
C GLY B 103 -31.89 -9.51 -8.37
N VAL B 104 -31.12 -8.62 -8.97
CA VAL B 104 -30.11 -7.82 -8.27
C VAL B 104 -30.66 -6.49 -7.81
N GLY B 105 -30.55 -6.23 -6.51
CA GLY B 105 -31.01 -4.98 -5.96
C GLY B 105 -32.51 -4.85 -6.09
N PHE B 106 -32.94 -3.82 -6.83
CA PHE B 106 -34.35 -3.58 -7.06
C PHE B 106 -34.83 -4.12 -8.40
N SER B 107 -33.97 -4.81 -9.12
CA SER B 107 -34.33 -5.40 -10.39
C SER B 107 -35.08 -6.71 -10.16
N TYR B 108 -35.88 -7.11 -11.14
CA TYR B 108 -36.67 -8.33 -11.03
C TYR B 108 -37.19 -8.79 -12.37
N SER B 109 -37.94 -9.88 -12.32
CA SER B 109 -38.58 -10.45 -13.48
C SER B 109 -39.92 -10.94 -12.96
N ASP B 110 -40.96 -10.80 -13.78
CA ASP B 110 -42.28 -11.25 -13.40
C ASP B 110 -42.28 -12.70 -12.95
N ASP B 111 -41.42 -13.53 -13.55
CA ASP B 111 -41.37 -14.94 -13.18
C ASP B 111 -40.40 -15.30 -12.07
N LYS B 112 -39.55 -14.35 -11.68
CA LYS B 112 -38.57 -14.57 -10.64
C LYS B 112 -37.52 -15.67 -10.91
N PHE B 113 -37.32 -16.01 -12.18
CA PHE B 113 -36.32 -17.02 -12.51
C PHE B 113 -35.01 -16.26 -12.81
N TYR B 114 -34.10 -16.29 -11.84
CA TYR B 114 -32.87 -15.53 -11.97
C TYR B 114 -31.59 -16.23 -12.37
N ALA B 115 -31.68 -17.48 -12.77
CA ALA B 115 -30.51 -18.24 -13.22
C ALA B 115 -30.18 -17.65 -14.57
N THR B 116 -28.92 -17.26 -14.79
CA THR B 116 -28.55 -16.64 -16.05
C THR B 116 -27.07 -16.90 -16.41
N ASN B 117 -26.61 -16.30 -17.51
CA ASN B 117 -25.24 -16.50 -17.94
C ASN B 117 -24.74 -15.26 -18.66
N ASP B 118 -23.48 -15.28 -19.10
CA ASP B 118 -22.90 -14.12 -19.77
C ASP B 118 -23.63 -13.63 -21.00
N THR B 119 -24.03 -14.57 -21.82
CA THR B 119 -24.70 -14.26 -23.08
C THR B 119 -26.06 -13.61 -22.87
N GLU B 120 -26.85 -14.15 -21.95
CA GLU B 120 -28.16 -13.64 -21.63
C GLU B 120 -28.02 -12.28 -20.95
N VAL B 121 -27.05 -12.13 -20.05
CA VAL B 121 -26.82 -10.86 -19.40
C VAL B 121 -26.49 -9.72 -20.37
N ALA B 122 -25.61 -9.92 -21.33
CA ALA B 122 -25.29 -8.84 -22.28
C ALA B 122 -26.49 -8.45 -23.16
N GLN B 123 -27.30 -9.45 -23.49
CA GLN B 123 -28.49 -9.23 -24.31
C GLN B 123 -29.51 -8.45 -23.47
N SER B 124 -29.67 -8.88 -22.22
CA SER B 124 -30.55 -8.22 -21.27
C SER B 124 -30.17 -6.74 -21.16
N ASN B 125 -28.89 -6.47 -20.91
CA ASN B 125 -28.40 -5.10 -20.79
C ASN B 125 -28.59 -4.34 -22.07
N PHE B 126 -28.37 -5.01 -23.19
CA PHE B 126 -28.54 -4.34 -24.48
C PHE B 126 -30.01 -3.87 -24.67
N GLU B 127 -30.95 -4.73 -24.36
CA GLU B 127 -32.34 -4.37 -24.51
C GLU B 127 -32.73 -3.29 -23.54
N ALA B 128 -32.05 -3.26 -22.39
CA ALA B 128 -32.29 -2.25 -21.35
C ALA B 128 -31.81 -0.90 -21.90
N LEU B 129 -30.65 -0.89 -22.56
CA LEU B 129 -30.14 0.34 -23.15
C LEU B 129 -31.08 0.86 -24.23
N GLN B 130 -31.67 -0.06 -24.99
CA GLN B 130 -32.62 0.31 -26.02
C GLN B 130 -33.81 1.02 -25.40
N ASP B 131 -34.28 0.48 -24.28
CA ASP B 131 -35.40 1.07 -23.55
C ASP B 131 -35.05 2.44 -22.93
N PHE B 132 -33.80 2.60 -22.46
CA PHE B 132 -33.39 3.87 -21.87
C PHE B 132 -33.50 4.94 -22.93
N PHE B 133 -33.11 4.60 -24.16
CA PHE B 133 -33.17 5.55 -25.26
C PHE B 133 -34.60 5.83 -25.71
N ARG B 134 -35.52 4.94 -25.35
CA ARG B 134 -36.93 5.13 -25.67
C ARG B 134 -37.47 6.13 -24.67
N LEU B 135 -36.99 6.03 -23.44
CA LEU B 135 -37.39 6.90 -22.33
C LEU B 135 -36.70 8.25 -22.42
N PHE B 136 -35.44 8.26 -22.87
CA PHE B 136 -34.65 9.46 -23.00
C PHE B 136 -34.16 9.66 -24.43
N PRO B 137 -35.08 9.80 -25.38
CA PRO B 137 -34.74 9.99 -26.80
C PRO B 137 -33.80 11.16 -27.08
N GLU B 138 -33.87 12.17 -26.21
CA GLU B 138 -33.06 13.36 -26.31
C GLU B 138 -31.56 13.04 -26.17
N TYR B 139 -31.27 11.91 -25.53
CA TYR B 139 -29.90 11.49 -25.31
C TYR B 139 -29.32 10.56 -26.37
N LYS B 140 -30.07 10.33 -27.45
CA LYS B 140 -29.64 9.45 -28.54
C LYS B 140 -28.39 9.80 -29.30
N ASN B 141 -28.14 11.09 -29.52
CA ASN B 141 -26.97 11.49 -30.27
C ASN B 141 -25.75 11.76 -29.40
N ASN B 142 -25.96 11.71 -28.09
CA ASN B 142 -24.92 11.94 -27.11
C ASN B 142 -23.94 10.77 -27.18
N LYS B 143 -22.64 11.05 -27.06
CA LYS B 143 -21.65 9.97 -27.11
C LYS B 143 -21.95 8.98 -26.02
N LEU B 144 -21.91 7.71 -26.35
CA LEU B 144 -22.18 6.71 -25.36
C LEU B 144 -20.86 6.06 -24.94
N PHE B 145 -20.71 5.84 -23.64
CA PHE B 145 -19.54 5.22 -23.06
C PHE B 145 -20.05 4.13 -22.16
N LEU B 146 -19.44 2.95 -22.23
CA LEU B 146 -19.82 1.83 -21.38
C LEU B 146 -18.69 1.58 -20.35
N THR B 147 -18.99 1.76 -19.06
CA THR B 147 -17.97 1.61 -18.02
C THR B 147 -18.45 0.70 -16.91
N GLY B 148 -17.51 0.04 -16.23
CA GLY B 148 -17.93 -0.89 -15.20
C GLY B 148 -16.69 -1.34 -14.46
N GLU B 149 -16.85 -2.27 -13.53
CA GLU B 149 -15.73 -2.69 -12.73
C GLU B 149 -15.86 -4.12 -12.29
N SER B 150 -14.72 -4.78 -12.04
CA SER B 150 -14.78 -6.14 -11.52
C SER B 150 -15.33 -7.15 -12.56
N TYR B 151 -16.41 -7.86 -12.23
CA TYR B 151 -17.00 -8.82 -13.16
C TYR B 151 -17.52 -8.08 -14.38
N ALA B 152 -17.73 -6.77 -14.28
CA ALA B 152 -18.16 -5.99 -15.42
C ALA B 152 -17.00 -5.95 -16.42
N GLY B 153 -15.94 -6.70 -16.15
CA GLY B 153 -14.84 -6.79 -17.08
C GLY B 153 -15.28 -7.77 -18.17
N ILE B 154 -16.28 -8.58 -17.84
CA ILE B 154 -16.90 -9.53 -18.79
C ILE B 154 -18.19 -8.85 -19.30
N TYR B 155 -19.00 -8.31 -18.39
CA TYR B 155 -20.24 -7.62 -18.78
C TYR B 155 -20.02 -6.53 -19.82
N ILE B 156 -19.06 -5.66 -19.58
CA ILE B 156 -18.85 -4.52 -20.45
C ILE B 156 -18.40 -4.77 -21.90
N PRO B 157 -17.31 -5.52 -22.12
CA PRO B 157 -16.88 -5.76 -23.50
C PRO B 157 -17.90 -6.62 -24.29
N THR B 158 -18.61 -7.53 -23.62
CA THR B 158 -19.62 -8.36 -24.30
C THR B 158 -20.83 -7.50 -24.69
N LEU B 159 -21.19 -6.55 -23.83
CA LEU B 159 -22.29 -5.62 -24.14
C LEU B 159 -21.87 -4.67 -25.27
N ALA B 160 -20.62 -4.19 -25.23
CA ALA B 160 -20.12 -3.29 -26.28
C ALA B 160 -20.18 -3.96 -27.65
N VAL B 161 -19.91 -5.26 -27.72
CA VAL B 161 -19.98 -5.96 -28.99
C VAL B 161 -21.41 -5.99 -29.56
N LEU B 162 -22.43 -6.02 -28.69
CA LEU B 162 -23.83 -5.97 -29.14
C LEU B 162 -24.14 -4.55 -29.60
N VAL B 163 -23.79 -3.59 -28.74
CA VAL B 163 -23.97 -2.16 -28.97
C VAL B 163 -23.27 -1.67 -30.23
N MET B 164 -22.12 -2.25 -30.51
CA MET B 164 -21.28 -1.92 -31.68
C MET B 164 -22.08 -2.19 -32.96
N GLN B 165 -22.96 -3.18 -32.85
CA GLN B 165 -23.81 -3.56 -33.95
C GLN B 165 -25.08 -2.73 -34.14
N ASP B 166 -25.42 -1.88 -33.18
CA ASP B 166 -26.60 -1.06 -33.32
C ASP B 166 -26.16 0.35 -33.68
N PRO B 167 -26.24 0.73 -34.97
CA PRO B 167 -25.84 2.07 -35.44
C PRO B 167 -26.57 3.24 -34.81
N SER B 168 -27.73 3.00 -34.21
CA SER B 168 -28.48 4.07 -33.57
C SER B 168 -27.84 4.48 -32.23
N MET B 169 -26.96 3.63 -31.70
CA MET B 169 -26.29 3.94 -30.44
C MET B 169 -24.93 4.57 -30.79
N ASN B 170 -24.65 5.73 -30.20
CA ASN B 170 -23.43 6.49 -30.49
C ASN B 170 -22.21 6.09 -29.64
N LEU B 171 -21.90 4.80 -29.63
CA LEU B 171 -20.76 4.29 -28.87
C LEU B 171 -19.48 4.99 -29.23
N GLN B 172 -18.78 5.46 -28.21
CA GLN B 172 -17.52 6.17 -28.40
C GLN B 172 -16.39 5.51 -27.61
N GLY B 173 -16.72 4.77 -26.56
CA GLY B 173 -15.65 4.14 -25.81
C GLY B 173 -16.12 3.32 -24.65
N LEU B 174 -15.19 2.61 -24.04
CA LEU B 174 -15.49 1.79 -22.86
C LEU B 174 -14.31 1.86 -21.88
N ALA B 175 -14.61 1.69 -20.60
CA ALA B 175 -13.58 1.74 -19.56
C ALA B 175 -13.91 0.71 -18.51
N VAL B 176 -12.91 -0.09 -18.15
CA VAL B 176 -13.09 -1.16 -17.17
C VAL B 176 -12.09 -1.03 -16.01
N GLY B 177 -12.62 -1.06 -14.78
CA GLY B 177 -11.78 -0.91 -13.62
C GLY B 177 -11.62 -2.21 -12.93
N ASN B 178 -10.37 -2.60 -12.65
CA ASN B 178 -10.08 -3.89 -11.99
C ASN B 178 -10.99 -4.97 -12.53
N GLY B 179 -11.03 -5.06 -13.85
CA GLY B 179 -11.89 -6.02 -14.49
C GLY B 179 -11.35 -7.40 -14.66
N LEU B 180 -12.24 -8.39 -14.61
CA LEU B 180 -11.88 -9.79 -14.79
C LEU B 180 -11.88 -10.12 -16.30
N SER B 181 -10.82 -9.69 -16.99
CA SER B 181 -10.63 -9.90 -18.42
C SER B 181 -10.14 -11.29 -18.76
N SER B 182 -9.52 -11.96 -17.80
CA SER B 182 -9.00 -13.27 -18.07
C SER B 182 -8.74 -14.05 -16.81
N TYR B 183 -9.44 -15.17 -16.67
CA TYR B 183 -9.28 -16.00 -15.50
C TYR B 183 -7.84 -16.51 -15.37
N GLU B 184 -7.27 -16.98 -16.47
CA GLU B 184 -5.91 -17.51 -16.46
C GLU B 184 -4.88 -16.47 -16.08
N GLN B 185 -4.96 -15.32 -16.73
CA GLN B 185 -4.04 -14.24 -16.44
C GLN B 185 -4.23 -13.64 -15.06
N ASN B 186 -5.43 -13.74 -14.53
CA ASN B 186 -5.70 -13.22 -13.22
C ASN B 186 -5.08 -14.15 -12.17
N ASP B 187 -5.30 -15.44 -12.33
CA ASP B 187 -4.77 -16.44 -11.41
C ASP B 187 -3.24 -16.56 -11.36
N ASN B 188 -2.59 -16.52 -12.52
CA ASN B 188 -1.14 -16.64 -12.60
C ASN B 188 -0.43 -15.42 -12.02
N SER B 189 -0.94 -14.24 -12.35
CA SER B 189 -0.32 -13.03 -11.84
C SER B 189 -0.59 -12.82 -10.34
N LEU B 190 -1.68 -13.38 -9.85
CA LEU B 190 -2.04 -13.25 -8.44
C LEU B 190 -1.07 -14.01 -7.51
N VAL B 191 -0.55 -15.14 -7.96
CA VAL B 191 0.39 -15.93 -7.18
C VAL B 191 1.69 -15.14 -7.10
N TYR B 192 2.13 -14.58 -8.22
CA TYR B 192 3.33 -13.75 -8.21
C TYR B 192 3.07 -12.61 -7.26
N PHE B 193 1.90 -11.99 -7.41
CA PHE B 193 1.48 -10.86 -6.60
C PHE B 193 1.61 -11.24 -5.15
N ALA B 194 1.04 -12.37 -4.79
CA ALA B 194 1.07 -12.84 -3.42
C ALA B 194 2.50 -12.90 -2.85
N TYR B 195 3.41 -13.49 -3.59
CA TYR B 195 4.79 -13.60 -3.13
C TYR B 195 5.50 -12.26 -2.97
N TYR B 196 5.51 -11.50 -4.05
CA TYR B 196 6.18 -10.22 -4.06
C TYR B 196 5.56 -9.17 -3.18
N HIS B 197 4.37 -9.45 -2.65
CA HIS B 197 3.71 -8.52 -1.72
C HIS B 197 3.84 -9.03 -0.28
N GLY B 198 4.52 -10.16 -0.14
CA GLY B 198 4.82 -10.72 1.17
C GLY B 198 3.83 -11.59 1.85
N LEU B 199 3.01 -12.27 1.07
CA LEU B 199 2.02 -13.13 1.67
C LEU B 199 2.44 -14.58 1.68
N LEU B 200 3.44 -14.93 0.87
CA LEU B 200 3.83 -16.35 0.77
C LEU B 200 5.04 -16.92 1.51
N GLY B 201 6.21 -16.32 1.31
CA GLY B 201 7.42 -16.87 1.92
C GLY B 201 8.15 -17.74 0.91
N ASN B 202 9.47 -17.91 1.04
CA ASN B 202 10.16 -18.72 0.02
C ASN B 202 9.95 -20.21 0.13
N ARG B 203 9.62 -20.68 1.30
CA ARG B 203 9.38 -22.10 1.47
C ARG B 203 8.15 -22.46 0.61
N LEU B 204 7.10 -21.61 0.63
CA LEU B 204 5.91 -21.86 -0.18
C LEU B 204 6.22 -21.50 -1.65
N TRP B 205 6.97 -20.44 -1.87
CA TRP B 205 7.31 -20.05 -3.20
C TRP B 205 8.13 -21.10 -3.93
N SER B 206 9.03 -21.77 -3.22
CA SER B 206 9.89 -22.80 -3.78
C SER B 206 9.07 -23.99 -4.24
N SER B 207 8.19 -24.41 -3.35
CA SER B 207 7.31 -25.53 -3.62
C SER B 207 6.48 -25.24 -4.89
N LEU B 208 6.03 -24.00 -5.05
CA LEU B 208 5.25 -23.60 -6.22
C LEU B 208 6.10 -23.64 -7.46
N GLN B 209 7.27 -23.04 -7.38
CA GLN B 209 8.18 -22.99 -8.51
C GLN B 209 8.60 -24.38 -8.92
N THR B 210 8.74 -25.25 -7.93
CA THR B 210 9.14 -26.61 -8.21
C THR B 210 8.07 -27.46 -8.87
N HIS B 211 6.83 -27.36 -8.39
CA HIS B 211 5.76 -28.17 -8.94
C HIS B 211 4.87 -27.59 -10.01
N CYS B 212 4.90 -26.27 -10.20
CA CYS B 212 3.98 -25.62 -11.15
C CYS B 212 4.62 -24.95 -12.30
N CYS B 213 5.93 -24.85 -12.26
CA CYS B 213 6.64 -24.14 -13.30
C CYS B 213 7.62 -25.03 -14.05
N SER B 214 7.93 -24.65 -15.29
CA SER B 214 8.83 -25.41 -16.15
C SER B 214 9.35 -24.36 -17.21
N GLN B 215 10.63 -24.05 -17.07
CA GLN B 215 11.50 -23.27 -18.02
C GLN B 215 11.28 -21.76 -18.24
N ASN B 216 11.01 -21.01 -17.41
CA ASN B 216 10.76 -19.67 -16.97
C ASN B 216 9.48 -19.45 -17.72
N LYS B 217 8.71 -20.32 -17.78
CA LYS B 217 7.05 -20.30 -17.30
C LYS B 217 6.27 -21.12 -16.28
N CYS B 218 5.32 -20.46 -15.61
CA CYS B 218 4.49 -21.11 -14.58
C CYS B 218 3.03 -21.26 -14.92
N ASN B 219 2.43 -22.34 -14.44
CA ASN B 219 1.01 -22.49 -14.68
C ASN B 219 0.34 -22.62 -13.33
N PHE B 220 -0.19 -21.49 -12.84
CA PHE B 220 -0.89 -21.44 -11.57
C PHE B 220 -2.41 -21.45 -11.81
N TYR B 221 -2.81 -21.65 -13.07
CA TYR B 221 -4.22 -21.68 -13.46
C TYR B 221 -4.88 -23.08 -13.42
N ASP B 222 -4.60 -23.90 -14.42
CA ASP B 222 -5.18 -25.24 -14.54
C ASP B 222 -4.11 -26.35 -14.45
N ASN B 223 -3.13 -26.16 -13.56
CA ASN B 223 -2.04 -27.13 -13.43
C ASN B 223 -2.53 -28.47 -12.91
N LYS B 224 -2.05 -29.56 -13.49
CA LYS B 224 -2.51 -30.87 -13.03
C LYS B 224 -1.59 -31.58 -12.02
N ASP B 225 -0.43 -31.00 -11.73
CA ASP B 225 0.49 -31.59 -10.75
C ASP B 225 -0.20 -31.51 -9.39
N LEU B 226 -0.35 -32.64 -8.73
CA LEU B 226 -1.03 -32.68 -7.45
C LEU B 226 -0.45 -31.88 -6.29
N GLU B 227 0.87 -31.79 -6.22
CA GLU B 227 1.51 -31.01 -5.16
C GLU B 227 1.43 -29.53 -5.50
N CYS B 228 1.48 -29.24 -6.79
CA CYS B 228 1.35 -27.88 -7.28
C CYS B 228 -0.05 -27.40 -6.89
N VAL B 229 -1.04 -28.26 -7.08
CA VAL B 229 -2.41 -27.95 -6.72
C VAL B 229 -2.54 -27.77 -5.22
N THR B 230 -1.82 -28.58 -4.45
CA THR B 230 -1.85 -28.46 -2.98
C THR B 230 -1.27 -27.10 -2.56
N ASN B 231 -0.25 -26.65 -3.28
CA ASN B 231 0.36 -25.37 -3.00
C ASN B 231 -0.59 -24.23 -3.40
N LEU B 232 -1.15 -24.32 -4.62
CA LEU B 232 -2.11 -23.32 -5.10
C LEU B 232 -3.34 -23.21 -4.21
N GLN B 233 -3.79 -24.31 -3.63
CA GLN B 233 -4.93 -24.23 -2.74
C GLN B 233 -4.56 -23.44 -1.48
N GLU B 234 -3.28 -23.46 -1.11
CA GLU B 234 -2.76 -22.74 0.06
C GLU B 234 -2.65 -21.26 -0.27
N VAL B 235 -2.21 -20.98 -1.47
CA VAL B 235 -2.12 -19.60 -1.91
C VAL B 235 -3.54 -18.98 -1.92
N ALA B 236 -4.53 -19.73 -2.41
CA ALA B 236 -5.92 -19.27 -2.48
C ALA B 236 -6.47 -18.96 -1.09
N ARG B 237 -6.11 -19.81 -0.12
CA ARG B 237 -6.55 -19.63 1.27
C ARG B 237 -5.98 -18.38 1.93
N ILE B 238 -4.69 -18.16 1.72
CA ILE B 238 -4.04 -17.00 2.30
C ILE B 238 -4.61 -15.72 1.69
N VAL B 239 -4.74 -15.70 0.36
CA VAL B 239 -5.27 -14.52 -0.33
C VAL B 239 -6.72 -14.21 -0.01
N GLY B 240 -7.61 -15.20 -0.07
CA GLY B 240 -9.01 -14.93 0.15
C GLY B 240 -9.72 -15.54 1.33
N ASN B 241 -8.99 -16.20 2.21
CA ASN B 241 -9.63 -16.80 3.37
C ASN B 241 -8.77 -16.82 4.62
N SER B 242 -7.98 -15.76 4.82
CA SER B 242 -7.12 -15.68 6.01
C SER B 242 -7.28 -14.41 6.87
N GLY B 243 -8.13 -13.48 6.45
CA GLY B 243 -8.33 -12.25 7.19
C GLY B 243 -7.85 -11.03 6.43
N LEU B 244 -7.18 -11.26 5.31
CA LEU B 244 -6.71 -10.16 4.49
C LEU B 244 -7.89 -9.77 3.62
N ASN B 245 -7.93 -8.49 3.29
CA ASN B 245 -8.95 -7.92 2.45
C ASN B 245 -8.45 -8.06 1.00
N ILE B 246 -9.12 -8.93 0.24
CA ILE B 246 -8.74 -9.19 -1.15
C ILE B 246 -8.88 -8.00 -2.09
N TYR B 247 -9.72 -7.06 -1.70
CA TYR B 247 -9.92 -5.84 -2.48
C TYR B 247 -8.85 -4.76 -2.22
N ASN B 248 -8.08 -4.93 -1.17
CA ASN B 248 -7.07 -3.92 -0.87
C ASN B 248 -6.23 -4.58 0.18
N LEU B 249 -5.01 -4.96 -0.21
CA LEU B 249 -4.12 -5.67 0.70
C LEU B 249 -3.75 -4.86 1.96
N TYR B 250 -3.60 -3.55 1.80
CA TYR B 250 -3.17 -2.68 2.89
C TYR B 250 -4.28 -2.04 3.70
N ALA B 251 -5.46 -2.61 3.57
CA ALA B 251 -6.62 -2.13 4.27
C ALA B 251 -7.17 -3.23 5.15
N PRO B 252 -7.81 -2.84 6.26
CA PRO B 252 -8.40 -3.78 7.20
C PRO B 252 -9.62 -4.46 6.56
N CYS B 253 -10.05 -5.55 7.18
CA CYS B 253 -11.18 -6.32 6.74
C CYS B 253 -12.31 -5.89 7.67
N ALA B 254 -13.38 -5.36 7.09
CA ALA B 254 -14.55 -4.91 7.87
C ALA B 254 -15.01 -6.05 8.76
N GLY B 255 -14.99 -5.82 10.08
CA GLY B 255 -15.39 -6.86 10.99
C GLY B 255 -14.21 -7.65 11.54
N GLY B 256 -13.01 -7.28 11.11
CA GLY B 256 -11.84 -7.96 11.62
C GLY B 256 -11.63 -9.39 11.16
N VAL B 257 -10.64 -10.03 11.78
CA VAL B 257 -10.26 -11.40 11.48
C VAL B 257 -10.81 -12.35 12.54
N PRO B 258 -11.56 -13.37 12.10
CA PRO B 258 -12.18 -14.39 12.97
C PRO B 258 -11.18 -15.36 13.64
N PHE B 261 -17.76 -15.61 7.74
CA PHE B 261 -19.17 -15.98 8.11
C PHE B 261 -19.81 -14.99 9.07
N ARG B 262 -20.11 -13.78 8.61
CA ARG B 262 -20.76 -12.80 9.47
C ARG B 262 -22.15 -13.37 9.67
N TYR B 263 -22.61 -13.39 10.91
CA TYR B 263 -23.95 -13.91 11.18
C TYR B 263 -24.68 -12.66 11.61
N GLU B 264 -25.96 -12.58 11.25
CA GLU B 264 -26.70 -11.41 11.61
C GLU B 264 -28.04 -11.77 12.23
N LYS B 265 -28.05 -12.94 12.89
CA LYS B 265 -29.23 -13.49 13.56
C LYS B 265 -30.25 -13.93 12.53
N ASP B 266 -30.19 -15.22 12.23
CA ASP B 266 -31.07 -15.83 11.22
C ASP B 266 -30.56 -15.50 9.83
N THR B 267 -29.34 -14.99 9.74
CA THR B 267 -28.74 -14.64 8.47
C THR B 267 -27.27 -14.99 8.49
N VAL B 268 -26.91 -15.93 7.62
CA VAL B 268 -25.52 -16.34 7.47
C VAL B 268 -25.00 -15.46 6.34
N VAL B 269 -23.89 -14.79 6.55
CA VAL B 269 -23.35 -13.93 5.50
C VAL B 269 -22.19 -14.68 4.86
N VAL B 270 -22.23 -14.79 3.54
CA VAL B 270 -21.20 -15.48 2.76
C VAL B 270 -20.54 -14.40 1.95
N GLN B 271 -19.23 -14.52 1.73
CA GLN B 271 -18.50 -13.50 0.98
C GLN B 271 -17.69 -14.05 -0.20
N ASP B 272 -18.11 -15.20 -0.74
CA ASP B 272 -17.40 -15.84 -1.83
C ASP B 272 -18.10 -15.60 -3.19
N LEU B 273 -17.61 -14.63 -3.94
CA LEU B 273 -18.20 -14.31 -5.23
C LEU B 273 -17.86 -15.33 -6.34
N GLY B 274 -16.85 -16.16 -6.12
CA GLY B 274 -16.45 -17.22 -7.06
C GLY B 274 -15.59 -16.91 -8.27
N ASN B 275 -14.77 -15.87 -8.22
CA ASN B 275 -13.97 -15.51 -9.37
C ASN B 275 -12.48 -15.79 -9.42
N ILE B 276 -11.88 -16.32 -8.36
CA ILE B 276 -10.44 -16.60 -8.41
C ILE B 276 -10.18 -18.08 -8.23
N PHE B 277 -9.10 -18.56 -8.84
CA PHE B 277 -8.70 -19.98 -8.77
C PHE B 277 -9.82 -20.93 -9.12
N THR B 278 -10.60 -20.54 -10.12
CA THR B 278 -11.75 -21.31 -10.62
C THR B 278 -11.38 -22.68 -11.22
N ARG B 279 -10.11 -22.87 -11.56
CA ARG B 279 -9.65 -24.14 -12.11
C ARG B 279 -8.96 -25.09 -11.13
N LEU B 280 -9.17 -24.86 -9.83
CA LEU B 280 -8.63 -25.72 -8.77
C LEU B 280 -9.80 -26.60 -8.41
N PRO B 281 -9.58 -27.65 -7.60
CA PRO B 281 -10.69 -28.53 -7.22
C PRO B 281 -11.80 -27.73 -6.58
N LEU B 282 -13.03 -28.13 -6.90
CA LEU B 282 -14.25 -27.51 -6.43
C LEU B 282 -14.21 -27.13 -4.97
N LYS B 283 -14.52 -25.87 -4.68
CA LYS B 283 -14.56 -25.39 -3.30
C LYS B 283 -15.60 -24.28 -3.20
N ARG B 284 -16.61 -24.48 -2.37
CA ARG B 284 -17.66 -23.49 -2.19
C ARG B 284 -17.73 -23.22 -0.71
N MET B 285 -17.56 -21.96 -0.34
CA MET B 285 -17.62 -21.57 1.07
C MET B 285 -19.01 -21.84 1.68
N TRP B 286 -20.07 -21.55 0.93
CA TRP B 286 -21.41 -21.77 1.47
C TRP B 286 -21.66 -23.22 1.85
N HIS B 287 -20.90 -24.17 1.30
CA HIS B 287 -21.10 -25.58 1.63
C HIS B 287 -20.86 -25.81 3.12
N GLN B 288 -20.08 -24.93 3.73
CA GLN B 288 -19.73 -25.00 5.16
C GLN B 288 -20.82 -24.45 6.08
N ALA B 289 -21.73 -23.67 5.52
CA ALA B 289 -22.79 -23.09 6.30
C ALA B 289 -23.75 -24.14 6.86
N LEU B 290 -24.02 -24.02 8.15
CA LEU B 290 -24.99 -24.89 8.83
C LEU B 290 -26.15 -23.95 9.14
N LEU B 291 -27.19 -24.06 8.33
CA LEU B 291 -28.36 -23.22 8.45
C LEU B 291 -29.46 -23.83 9.27
N ARG B 292 -30.09 -23.00 10.10
CA ARG B 292 -31.22 -23.44 10.88
C ARG B 292 -32.34 -23.31 9.87
N SER B 293 -33.42 -24.05 10.10
CA SER B 293 -34.61 -23.96 9.26
C SER B 293 -35.12 -22.53 9.52
N GLY B 294 -35.13 -21.69 8.47
CA GLY B 294 -35.57 -20.32 8.64
C GLY B 294 -34.46 -19.28 8.65
N ASP B 295 -33.23 -19.71 8.42
CA ASP B 295 -32.10 -18.80 8.38
C ASP B 295 -31.96 -18.49 6.91
N LYS B 296 -31.50 -17.29 6.61
CA LYS B 296 -31.30 -16.90 5.23
C LYS B 296 -29.81 -16.70 5.02
N VAL B 297 -29.38 -16.95 3.79
CA VAL B 297 -27.99 -16.77 3.44
C VAL B 297 -27.94 -15.52 2.58
N ARG B 298 -27.15 -14.53 3.02
CA ARG B 298 -26.96 -13.31 2.26
C ARG B 298 -25.50 -13.28 1.83
N MET B 299 -25.24 -12.88 0.60
CA MET B 299 -23.88 -12.81 0.10
C MET B 299 -23.44 -11.37 0.03
N ASP B 300 -22.28 -11.06 0.61
CA ASP B 300 -21.75 -9.70 0.59
C ASP B 300 -20.36 -9.73 -0.02
N PRO B 301 -19.89 -8.59 -0.53
CA PRO B 301 -18.55 -8.57 -1.11
C PRO B 301 -17.55 -8.88 0.03
N PRO B 302 -16.42 -9.50 -0.29
CA PRO B 302 -15.45 -9.83 0.75
C PRO B 302 -14.90 -8.65 1.53
N CYS B 303 -14.92 -8.80 2.86
CA CYS B 303 -14.40 -7.79 3.79
C CYS B 303 -15.01 -6.44 3.67
N THR B 304 -16.26 -6.38 3.20
CA THR B 304 -16.98 -5.13 3.04
C THR B 304 -18.17 -5.15 3.99
N ASN B 305 -18.61 -3.96 4.36
CA ASN B 305 -19.73 -3.78 5.25
C ASN B 305 -20.81 -3.12 4.38
N THR B 306 -21.95 -3.76 4.22
CA THR B 306 -23.01 -3.20 3.37
C THR B 306 -24.15 -2.51 4.13
N THR B 307 -24.05 -2.51 5.44
CA THR B 307 -25.06 -1.89 6.30
C THR B 307 -25.48 -0.47 5.98
N ALA B 308 -24.55 0.45 5.76
CA ALA B 308 -24.95 1.83 5.49
C ALA B 308 -25.79 1.96 4.22
N ALA B 309 -25.36 1.32 3.14
CA ALA B 309 -26.07 1.39 1.87
C ALA B 309 -27.43 0.67 1.92
N SER B 310 -27.43 -0.53 2.50
CA SER B 310 -28.64 -1.32 2.61
C SER B 310 -29.67 -0.66 3.50
N THR B 311 -29.19 -0.05 4.59
CA THR B 311 -30.04 0.63 5.59
C THR B 311 -30.68 1.84 4.93
N TYR B 312 -29.90 2.53 4.13
CA TYR B 312 -30.42 3.69 3.44
C TYR B 312 -31.44 3.27 2.37
N LEU B 313 -31.04 2.35 1.51
CA LEU B 313 -31.88 1.88 0.42
C LEU B 313 -33.19 1.21 0.81
N ASN B 314 -33.20 0.56 1.96
CA ASN B 314 -34.43 -0.09 2.41
C ASN B 314 -35.35 0.84 3.23
N ASN B 315 -35.06 2.13 3.20
CA ASN B 315 -35.88 3.11 3.87
C ASN B 315 -37.08 3.24 2.95
N PRO B 316 -38.29 3.01 3.50
CA PRO B 316 -39.57 3.08 2.80
C PRO B 316 -39.71 4.38 2.02
N TYR B 317 -39.19 5.45 2.59
CA TYR B 317 -39.25 6.74 1.94
C TYR B 317 -38.29 6.80 0.77
N VAL B 318 -37.14 6.14 0.91
CA VAL B 318 -36.15 6.14 -0.16
C VAL B 318 -36.72 5.33 -1.28
N ARG B 319 -37.25 4.15 -0.98
CA ARG B 319 -37.86 3.32 -2.00
C ARG B 319 -38.89 4.13 -2.80
N LYS B 320 -39.76 4.85 -2.09
CA LYS B 320 -40.80 5.67 -2.74
C LYS B 320 -40.28 6.72 -3.67
N ALA B 321 -39.27 7.48 -3.22
CA ALA B 321 -38.67 8.53 -4.05
C ALA B 321 -37.91 7.92 -5.24
N LEU B 322 -37.56 6.65 -5.11
CA LEU B 322 -36.84 5.97 -6.17
C LEU B 322 -37.80 5.25 -7.10
N ASN B 323 -39.09 5.36 -6.81
CA ASN B 323 -40.14 4.77 -7.64
C ASN B 323 -40.08 3.23 -7.71
N ILE B 324 -39.83 2.62 -6.56
CA ILE B 324 -39.71 1.17 -6.45
C ILE B 324 -41.01 0.45 -6.03
N PRO B 325 -41.51 -0.48 -6.89
CA PRO B 325 -42.73 -1.26 -6.60
C PRO B 325 -42.64 -1.84 -5.21
N GLU B 326 -43.68 -1.58 -4.43
CA GLU B 326 -43.77 -2.02 -3.05
C GLU B 326 -43.63 -3.51 -2.83
N GLN B 327 -44.00 -4.30 -3.82
CA GLN B 327 -43.93 -5.73 -3.67
C GLN B 327 -42.52 -6.31 -3.78
N LEU B 328 -41.57 -5.51 -4.28
CA LEU B 328 -40.21 -5.99 -4.45
C LEU B 328 -39.54 -6.31 -3.13
N PRO B 329 -38.72 -7.38 -3.10
CA PRO B 329 -38.00 -7.82 -1.90
C PRO B 329 -36.99 -6.77 -1.45
N GLN B 330 -36.39 -7.04 -0.30
CA GLN B 330 -35.44 -6.14 0.32
C GLN B 330 -34.22 -5.96 -0.56
N TRP B 331 -33.65 -4.76 -0.54
CA TRP B 331 -32.45 -4.52 -1.31
C TRP B 331 -31.25 -5.11 -0.54
N ASP B 332 -30.33 -5.71 -1.31
CA ASP B 332 -29.07 -6.29 -0.80
C ASP B 332 -28.04 -5.87 -1.82
N MET B 333 -26.81 -5.63 -1.41
CA MET B 333 -25.86 -5.23 -2.42
C MET B 333 -25.56 -6.33 -3.44
N CYS B 334 -25.76 -7.59 -3.03
CA CYS B 334 -25.52 -8.75 -3.88
C CYS B 334 -26.59 -9.79 -3.64
N ASN B 335 -26.89 -10.57 -4.68
CA ASN B 335 -27.89 -11.62 -4.54
C ASN B 335 -27.19 -12.97 -4.59
N PHE B 336 -27.14 -13.65 -3.43
CA PHE B 336 -26.50 -14.95 -3.31
C PHE B 336 -27.02 -15.94 -4.35
N LEU B 337 -28.33 -16.09 -4.45
CA LEU B 337 -28.95 -17.00 -5.41
C LEU B 337 -28.60 -16.68 -6.86
N VAL B 338 -28.51 -15.42 -7.23
CA VAL B 338 -28.13 -15.06 -8.60
C VAL B 338 -26.67 -15.48 -8.89
N ASN B 339 -25.76 -15.14 -7.96
CA ASN B 339 -24.35 -15.49 -8.12
C ASN B 339 -24.21 -17.03 -8.12
N LEU B 340 -25.00 -17.69 -7.28
CA LEU B 340 -25.00 -19.15 -7.18
C LEU B 340 -25.37 -19.92 -8.47
N GLN B 341 -26.35 -19.39 -9.21
CA GLN B 341 -26.88 -20.04 -10.41
C GLN B 341 -26.30 -19.48 -11.67
N TYR B 342 -25.39 -18.54 -11.48
CA TYR B 342 -24.75 -17.87 -12.58
C TYR B 342 -23.74 -18.76 -13.30
N ARG B 343 -23.84 -18.76 -14.63
CA ARG B 343 -22.97 -19.53 -15.50
C ARG B 343 -22.04 -18.63 -16.29
N ARG B 344 -20.75 -18.80 -15.99
CA ARG B 344 -19.68 -18.05 -16.62
C ARG B 344 -19.40 -18.79 -17.93
N LEU B 345 -19.46 -18.08 -19.04
CA LEU B 345 -19.26 -18.69 -20.34
C LEU B 345 -17.93 -18.30 -20.91
N TYR B 346 -17.56 -17.03 -20.84
CA TYR B 346 -16.27 -16.63 -21.39
C TYR B 346 -15.16 -16.77 -20.39
N ARG B 347 -14.02 -17.25 -20.87
CA ARG B 347 -12.85 -17.45 -20.03
C ARG B 347 -11.85 -16.30 -20.23
N SER B 348 -12.01 -15.61 -21.35
CA SER B 348 -11.13 -14.49 -21.69
C SER B 348 -11.94 -13.48 -22.53
N MET B 349 -11.52 -12.21 -22.50
CA MET B 349 -12.16 -11.14 -23.27
C MET B 349 -11.32 -10.70 -24.48
N ASN B 350 -10.37 -11.52 -24.90
CA ASN B 350 -9.50 -11.20 -26.01
C ASN B 350 -10.26 -10.95 -27.31
N SER B 351 -11.21 -11.82 -27.65
CA SER B 351 -12.01 -11.67 -28.91
C SER B 351 -12.84 -10.41 -28.87
N GLN B 352 -13.52 -10.19 -27.76
CA GLN B 352 -14.35 -9.00 -27.63
C GLN B 352 -13.52 -7.76 -27.83
N TYR B 353 -12.38 -7.64 -27.17
CA TYR B 353 -11.55 -6.45 -27.35
C TYR B 353 -10.97 -6.32 -28.74
N LEU B 354 -10.58 -7.45 -29.33
CA LEU B 354 -10.03 -7.41 -30.68
C LEU B 354 -11.11 -6.96 -31.66
N LYS B 355 -12.35 -7.37 -31.42
CA LYS B 355 -13.47 -6.98 -32.28
C LYS B 355 -13.69 -5.49 -32.26
N LEU B 356 -13.62 -4.91 -31.06
CA LEU B 356 -13.85 -3.48 -30.86
C LEU B 356 -12.68 -2.65 -31.33
N LEU B 357 -11.49 -3.23 -31.25
CA LEU B 357 -10.26 -2.56 -31.68
C LEU B 357 -10.15 -2.52 -33.21
N SER B 358 -10.68 -3.54 -33.87
CA SER B 358 -10.62 -3.61 -35.34
C SER B 358 -11.20 -2.40 -36.03
N SER B 359 -12.31 -1.87 -35.51
CA SER B 359 -12.92 -0.69 -36.10
C SER B 359 -12.10 0.58 -35.92
N GLN B 360 -11.25 0.60 -34.87
CA GLN B 360 -10.41 1.76 -34.54
C GLN B 360 -11.35 2.95 -34.41
N LYS B 361 -12.50 2.68 -33.83
CA LYS B 361 -13.54 3.67 -33.68
C LYS B 361 -13.79 3.98 -32.20
N TYR B 362 -13.46 3.03 -31.33
CA TYR B 362 -13.70 3.22 -29.90
C TYR B 362 -12.48 3.47 -29.05
N GLN B 363 -12.70 4.28 -28.02
CA GLN B 363 -11.67 4.64 -27.06
C GLN B 363 -11.81 3.61 -25.94
N ILE B 364 -10.74 2.88 -25.66
CA ILE B 364 -10.78 1.85 -24.64
C ILE B 364 -9.74 2.09 -23.55
N LEU B 365 -10.16 1.91 -22.31
CA LEU B 365 -9.30 2.09 -21.13
C LEU B 365 -9.52 0.97 -20.12
N LEU B 366 -8.45 0.33 -19.68
CA LEU B 366 -8.55 -0.69 -18.61
C LEU B 366 -7.71 -0.02 -17.52
N TYR B 367 -8.29 0.21 -16.34
CA TYR B 367 -7.55 0.85 -15.25
C TYR B 367 -7.63 0.01 -13.98
N ASN B 368 -6.48 -0.23 -13.34
CA ASN B 368 -6.47 -1.02 -12.12
C ASN B 368 -5.80 -0.34 -10.92
N GLY B 369 -6.37 -0.57 -9.74
CA GLY B 369 -5.77 -0.06 -8.52
C GLY B 369 -4.76 -1.15 -8.22
N ASP B 370 -3.51 -0.75 -7.99
CA ASP B 370 -2.40 -1.66 -7.73
C ASP B 370 -2.27 -2.39 -6.40
N VAL B 371 -3.21 -2.22 -5.47
CA VAL B 371 -3.12 -2.95 -4.21
C VAL B 371 -4.28 -3.90 -4.08
N ASP B 372 -5.00 -4.09 -5.17
CA ASP B 372 -6.14 -5.01 -5.24
C ASP B 372 -5.62 -6.40 -5.57
N MET B 373 -6.18 -7.41 -4.92
CA MET B 373 -5.78 -8.77 -5.20
C MET B 373 -6.94 -9.58 -5.85
N ALA B 374 -8.13 -9.00 -6.01
CA ALA B 374 -9.25 -9.74 -6.68
C ALA B 374 -9.04 -9.72 -8.20
N CYS B 375 -8.67 -8.57 -8.76
CA CYS B 375 -8.34 -8.41 -10.18
C CYS B 375 -7.11 -7.52 -10.25
N ASN B 376 -6.00 -8.04 -9.72
CA ASN B 376 -4.74 -7.32 -9.65
C ASN B 376 -4.34 -6.65 -10.96
N PHE B 377 -3.62 -5.53 -10.85
CA PHE B 377 -3.18 -4.76 -11.99
C PHE B 377 -2.33 -5.54 -13.00
N MET B 378 -1.50 -6.47 -12.52
CA MET B 378 -0.62 -7.20 -13.42
C MET B 378 -1.37 -8.14 -14.38
N GLY B 379 -2.40 -8.81 -13.88
CA GLY B 379 -3.20 -9.68 -14.72
C GLY B 379 -3.77 -8.94 -15.92
N ASP B 380 -4.28 -7.73 -15.66
CA ASP B 380 -4.84 -6.89 -16.70
C ASP B 380 -3.81 -6.18 -17.54
N GLU B 381 -2.61 -5.95 -16.99
CA GLU B 381 -1.56 -5.31 -17.79
C GLU B 381 -1.08 -6.37 -18.80
N TRP B 382 -0.94 -7.59 -18.31
CA TRP B 382 -0.54 -8.70 -19.12
C TRP B 382 -1.61 -8.87 -20.20
N PHE B 383 -2.88 -8.94 -19.79
CA PHE B 383 -4.00 -9.10 -20.75
C PHE B 383 -3.96 -8.08 -21.87
N VAL B 384 -3.75 -6.82 -21.53
CA VAL B 384 -3.70 -5.76 -22.53
C VAL B 384 -2.46 -5.87 -23.42
N ASP B 385 -1.38 -6.37 -22.85
CA ASP B 385 -0.15 -6.51 -23.63
C ASP B 385 -0.36 -7.64 -24.63
N SER B 386 -1.02 -8.70 -24.19
CA SER B 386 -1.29 -9.86 -25.02
C SER B 386 -2.14 -9.61 -26.27
N LEU B 387 -2.83 -8.47 -26.32
CA LEU B 387 -3.66 -8.09 -27.48
C LEU B 387 -2.74 -7.72 -28.62
N ASN B 388 -1.50 -7.41 -28.27
CA ASN B 388 -0.45 -7.08 -29.23
C ASN B 388 -0.80 -5.94 -30.15
N GLN B 389 -1.21 -4.82 -29.58
CA GLN B 389 -1.56 -3.66 -30.39
C GLN B 389 -0.38 -2.70 -30.55
N LYS B 390 -0.49 -1.70 -31.42
CA LYS B 390 0.58 -0.73 -31.63
C LYS B 390 0.80 0.21 -30.46
N MET B 391 2.04 0.29 -29.98
CA MET B 391 2.35 1.16 -28.85
C MET B 391 2.42 2.61 -29.24
N GLU B 392 1.53 3.39 -28.65
CA GLU B 392 1.45 4.82 -28.88
C GLU B 392 2.32 5.53 -27.83
N VAL B 393 2.09 5.18 -26.57
CA VAL B 393 2.79 5.78 -25.46
C VAL B 393 3.56 4.73 -24.66
N GLN B 394 4.88 4.88 -24.62
CA GLN B 394 5.76 3.99 -23.86
C GLN B 394 5.40 4.23 -22.39
N ARG B 395 5.39 3.17 -21.58
CA ARG B 395 5.00 3.26 -20.16
C ARG B 395 5.65 4.43 -19.38
N ARG B 396 4.79 5.22 -18.73
CA ARG B 396 5.25 6.36 -17.98
C ARG B 396 4.27 6.64 -16.87
N PRO B 397 4.68 7.46 -15.88
CA PRO B 397 3.78 7.78 -14.76
C PRO B 397 2.72 8.81 -15.19
N TRP B 398 1.56 8.81 -14.55
CA TRP B 398 0.60 9.87 -14.88
C TRP B 398 0.47 10.65 -13.56
N LEU B 399 0.08 11.92 -13.62
CA LEU B 399 0.04 12.78 -12.43
C LEU B 399 -1.30 13.39 -12.02
N VAL B 400 -1.39 13.73 -10.74
CA VAL B 400 -2.56 14.37 -10.17
C VAL B 400 -2.03 15.45 -9.22
N LYS B 401 -2.57 16.66 -9.37
CA LYS B 401 -2.17 17.77 -8.53
C LYS B 401 -3.03 17.76 -7.27
N TYR B 402 -2.39 17.58 -6.13
CA TYR B 402 -3.10 17.55 -4.87
C TYR B 402 -3.04 18.88 -4.16
N GLY B 403 -4.14 19.21 -3.47
CA GLY B 403 -4.19 20.46 -2.74
C GLY B 403 -3.07 20.47 -1.71
N ASP B 404 -3.08 19.46 -0.86
CA ASP B 404 -2.06 19.31 0.18
C ASP B 404 -0.69 18.86 -0.34
N SER B 405 -0.66 17.83 -1.20
CA SER B 405 0.58 17.25 -1.72
C SER B 405 1.22 17.90 -2.93
N GLY B 406 0.51 18.78 -3.60
CA GLY B 406 1.09 19.33 -4.82
C GLY B 406 0.97 18.21 -5.86
N GLU B 407 1.66 18.32 -6.98
CA GLU B 407 1.59 17.30 -8.03
C GLU B 407 2.28 16.00 -7.62
N GLN B 408 1.55 14.90 -7.68
CA GLN B 408 2.08 13.59 -7.29
C GLN B 408 1.85 12.55 -8.38
N ILE B 409 2.59 11.45 -8.35
CA ILE B 409 2.43 10.39 -9.34
C ILE B 409 1.18 9.65 -8.94
N ALA B 410 0.19 9.64 -9.82
CA ALA B 410 -1.03 8.96 -9.49
C ALA B 410 -1.02 7.50 -9.90
N GLY B 411 -0.05 7.12 -10.70
CA GLY B 411 0.05 5.73 -11.14
C GLY B 411 0.83 5.68 -12.43
N PHE B 412 0.71 4.59 -13.18
CA PHE B 412 1.42 4.44 -14.46
C PHE B 412 0.50 4.14 -15.63
N VAL B 413 0.80 4.71 -16.79
CA VAL B 413 0.00 4.50 -17.98
C VAL B 413 0.83 4.08 -19.21
N LYS B 414 0.31 3.08 -19.91
CA LYS B 414 0.92 2.54 -21.10
C LYS B 414 -0.18 2.64 -22.15
N GLU B 415 0.13 3.27 -23.28
CA GLU B 415 -0.85 3.43 -24.32
C GLU B 415 -0.57 2.71 -25.63
N PHE B 416 -1.63 2.16 -26.21
CA PHE B 416 -1.55 1.50 -27.47
C PHE B 416 -2.60 2.22 -28.31
N SER B 417 -2.60 1.96 -29.60
CA SER B 417 -3.58 2.57 -30.46
C SER B 417 -4.95 2.08 -29.97
N HIS B 418 -5.79 3.01 -29.52
CA HIS B 418 -7.14 2.71 -29.04
C HIS B 418 -7.34 1.95 -27.74
N ILE B 419 -6.26 1.69 -27.03
CA ILE B 419 -6.41 1.00 -25.78
C ILE B 419 -5.25 1.40 -24.89
N ALA B 420 -5.61 1.83 -23.69
CA ALA B 420 -4.66 2.28 -22.70
C ALA B 420 -4.86 1.47 -21.45
N PHE B 421 -3.75 1.10 -20.81
CA PHE B 421 -3.80 0.37 -19.54
C PHE B 421 -3.29 1.40 -18.56
N LEU B 422 -3.92 1.48 -17.39
CA LEU B 422 -3.52 2.48 -16.42
C LEU B 422 -3.70 1.95 -15.02
N THR B 423 -2.74 2.25 -14.16
CA THR B 423 -2.81 1.82 -12.77
C THR B 423 -3.11 3.06 -11.91
N ILE B 424 -3.72 2.83 -10.76
CA ILE B 424 -3.99 3.91 -9.80
C ILE B 424 -3.17 3.45 -8.56
N LYS B 425 -2.08 4.15 -8.30
CA LYS B 425 -1.21 3.81 -7.17
C LYS B 425 -1.87 3.90 -5.81
N GLY B 426 -1.83 2.81 -5.07
CA GLY B 426 -2.43 2.79 -3.76
C GLY B 426 -3.93 2.52 -3.73
N ALA B 427 -4.58 2.41 -4.88
CA ALA B 427 -6.01 2.13 -4.86
C ALA B 427 -6.24 0.61 -4.94
N GLY B 428 -7.37 0.17 -4.43
CA GLY B 428 -7.68 -1.25 -4.49
C GLY B 428 -8.71 -1.55 -5.59
N HIS B 429 -9.50 -2.59 -5.40
CA HIS B 429 -10.53 -3.01 -6.34
C HIS B 429 -11.48 -1.92 -6.76
N MET B 430 -11.96 -1.16 -5.76
CA MET B 430 -12.90 -0.10 -5.98
C MET B 430 -12.20 1.22 -5.97
N VAL B 431 -11.52 1.46 -7.09
CA VAL B 431 -10.72 2.62 -7.32
C VAL B 431 -11.28 4.01 -6.91
N PRO B 432 -12.56 4.34 -7.28
CA PRO B 432 -13.09 5.65 -6.91
C PRO B 432 -13.29 5.79 -5.40
N THR B 433 -13.61 4.69 -4.74
CA THR B 433 -13.77 4.74 -3.32
C THR B 433 -12.39 5.04 -2.69
N ASP B 434 -11.36 4.35 -3.17
CA ASP B 434 -10.02 4.50 -2.66
C ASP B 434 -9.27 5.79 -2.94
N LYS B 435 -9.30 6.24 -4.20
CA LYS B 435 -8.62 7.45 -4.65
C LYS B 435 -9.60 8.28 -5.47
N PRO B 436 -10.60 8.89 -4.81
CA PRO B 436 -11.59 9.68 -5.55
C PRO B 436 -11.08 10.70 -6.53
N LEU B 437 -10.05 11.44 -6.14
CA LEU B 437 -9.52 12.48 -7.02
C LEU B 437 -8.76 11.93 -8.24
N ALA B 438 -7.98 10.86 -8.05
CA ALA B 438 -7.25 10.25 -9.18
C ALA B 438 -8.25 9.66 -10.22
N ALA B 439 -9.25 8.92 -9.71
CA ALA B 439 -10.29 8.29 -10.50
C ALA B 439 -11.05 9.30 -11.35
N PHE B 440 -11.47 10.39 -10.74
CA PHE B 440 -12.15 11.43 -11.47
C PHE B 440 -11.20 12.03 -12.49
N THR B 441 -9.93 12.22 -12.13
CA THR B 441 -8.95 12.80 -13.03
C THR B 441 -8.75 11.92 -14.27
N MET B 442 -8.65 10.64 -14.02
CA MET B 442 -8.47 9.64 -15.06
C MET B 442 -9.69 9.71 -15.98
N PHE B 443 -10.86 9.49 -15.39
CA PHE B 443 -12.13 9.54 -16.10
C PHE B 443 -12.30 10.78 -16.99
N SER B 444 -11.93 11.94 -16.47
CA SER B 444 -12.05 13.20 -17.22
C SER B 444 -11.11 13.24 -18.42
N ARG B 445 -9.90 12.72 -18.26
CA ARG B 445 -8.93 12.68 -19.35
C ARG B 445 -9.33 11.66 -20.41
N PHE B 446 -9.99 10.61 -19.93
CA PHE B 446 -10.53 9.53 -20.78
C PHE B 446 -11.65 10.20 -21.60
N LEU B 447 -12.69 10.70 -20.95
CA LEU B 447 -13.78 11.34 -21.68
C LEU B 447 -13.32 12.37 -22.66
N ASN B 448 -12.38 13.20 -22.24
CA ASN B 448 -11.94 14.28 -23.12
C ASN B 448 -10.78 13.94 -24.05
N LYS B 449 -10.45 12.65 -24.14
CA LYS B 449 -9.35 12.21 -25.00
C LYS B 449 -8.11 13.05 -24.72
N GLN B 450 -7.81 13.30 -23.46
CA GLN B 450 -6.63 14.07 -23.12
C GLN B 450 -5.61 13.10 -22.63
N PRO B 451 -4.32 13.41 -22.82
CA PRO B 451 -3.27 12.50 -22.35
C PRO B 451 -3.39 12.37 -20.83
N TYR B 452 -3.21 11.14 -20.35
CA TYR B 452 -3.33 10.85 -18.94
C TYR B 452 -2.24 11.51 -18.08
C1 NAG C . 38.27 3.42 10.08
C2 NAG C . 39.52 2.95 9.36
C3 NAG C . 40.71 3.00 10.30
C4 NAG C . 40.88 4.40 10.88
C5 NAG C . 39.55 4.95 11.44
C6 NAG C . 39.63 6.43 11.73
C7 NAG C . 39.35 1.35 7.56
C8 NAG C . 39.23 -0.10 7.12
N2 NAG C . 39.35 1.60 8.86
O3 NAG C . 41.88 2.62 9.59
O4 NAG C . 41.86 4.36 11.95
O5 NAG C . 38.47 4.78 10.50
O6 NAG C . 39.11 7.20 10.63
O7 NAG C . 39.39 2.25 6.72
C1 NDG C . 43.23 4.22 11.69
C2 NDG C . 43.97 4.21 13.04
C3 NDG C . 44.92 5.40 13.16
C4 NDG C . 45.85 5.39 11.96
C5 NDG C . 45.01 5.49 10.66
C6 NDG C . 45.36 4.37 9.70
C7 NDG C . 42.62 3.13 14.70
C8 NDG C . 41.67 3.20 15.89
O5 NDG C . 43.58 5.41 10.96
O3 NDG C . 45.68 5.27 14.36
O4 NDG C . 46.78 6.46 12.04
O6 NDG C . 45.43 3.10 10.34
O7 NDG C . 42.93 2.02 14.25
N2 NDG C . 43.05 4.26 14.17
C1 NAG D . -27.28 -18.90 -21.68
C2 NAG D . -27.51 -20.37 -22.02
C3 NAG D . -28.04 -20.42 -23.45
C4 NAG D . -29.40 -19.84 -23.35
C5 NAG D . -29.32 -18.36 -22.90
C6 NAG D . -30.70 -17.90 -22.56
C7 NAG D . -25.31 -21.17 -22.61
C8 NAG D . -24.20 -22.14 -22.29
N2 NAG D . -26.35 -21.23 -21.81
O3 NAG D . -28.10 -21.74 -23.94
O4 NAG D . -30.10 -19.96 -24.60
O5 NAG D . -28.55 -18.24 -21.67
O6 NAG D . -31.29 -18.80 -21.62
O7 NAG D . -25.18 -20.32 -23.51
C1 NAG D . -31.38 -20.48 -24.50
C2 NAG D . -32.20 -20.14 -25.74
C3 NAG D . -33.58 -20.78 -25.63
C4 NAG D . -33.50 -22.27 -25.29
C5 NAG D . -32.57 -22.50 -24.09
C6 NAG D . -32.31 -23.97 -23.82
C7 NAG D . -31.65 -18.01 -26.71
C8 NAG D . -31.88 -16.50 -26.74
N2 NAG D . -32.35 -18.70 -25.82
O3 NAG D . -34.28 -20.65 -26.87
O4 NAG D . -34.81 -22.74 -24.99
O5 NAG D . -31.28 -21.90 -24.35
O6 NAG D . -31.43 -24.52 -24.80
O7 NAG D . -30.83 -18.51 -27.47
C1 NAG E . 7.28 21.16 5.50
C2 NAG E . 6.07 21.53 4.65
C3 NAG E . 5.85 23.04 4.76
C4 NAG E . 5.49 23.30 6.23
C5 NAG E . 6.65 22.85 7.11
C6 NAG E . 6.33 22.96 8.58
C7 NAG E . 7.12 21.62 2.46
C8 NAG E . 7.16 21.07 1.04
N2 NAG E . 6.22 21.08 3.27
O3 NAG E . 4.80 23.48 3.89
O4 NAG E . 5.25 24.69 6.43
O5 NAG E . 6.98 21.46 6.88
O6 NAG E . 5.77 21.75 9.05
O7 NAG E . 7.93 22.49 2.81
C1 NAG F . -20.98 -1.91 9.59
C2 NAG F . -20.49 -2.15 11.00
C3 NAG F . -21.52 -1.62 12.00
C4 NAG F . -21.84 -0.16 11.68
C5 NAG F . -22.34 -0.07 10.24
C6 NAG F . -22.81 1.29 9.77
C7 NAG F . -19.12 -4.14 10.94
C8 NAG F . -19.01 -5.64 11.21
N2 NAG F . -20.29 -3.57 11.22
O3 NAG F . -21.00 -1.72 13.32
O4 NAG F . -22.83 0.33 12.59
O5 NAG F . -21.30 -0.54 9.35
O6 NAG F . -21.92 1.88 8.83
O7 NAG F . -18.15 -3.50 10.49
#